data_2MKB
#
_entry.id   2MKB
#
_entity_poly.entity_id   1
_entity_poly.type   'polypeptide(L)'
_entity_poly.pdbx_seq_one_letter_code
;HAWYSHYVLKFFLLVFGENGVFFYK
;
_entity_poly.pdbx_strand_id   A
#
# COMPACT_ATOMS: atom_id res chain seq x y z
N HIS A 1 -13.34 15.89 -5.53
CA HIS A 1 -12.52 15.54 -6.73
C HIS A 1 -11.13 15.05 -6.31
N ALA A 2 -10.75 13.87 -6.73
CA ALA A 2 -9.41 13.33 -6.35
C ALA A 2 -8.98 12.24 -7.35
N TRP A 3 -8.01 12.53 -8.18
CA TRP A 3 -7.54 11.52 -9.18
C TRP A 3 -6.23 10.87 -8.72
N TYR A 4 -5.45 11.55 -7.91
CA TYR A 4 -4.16 10.96 -7.44
C TYR A 4 -4.28 10.44 -6.00
N SER A 5 -5.48 10.30 -5.49
CA SER A 5 -5.66 9.79 -4.09
C SER A 5 -5.53 8.26 -4.05
N HIS A 6 -5.73 7.60 -5.17
CA HIS A 6 -5.61 6.11 -5.20
C HIS A 6 -4.15 5.69 -5.31
N TYR A 7 -3.32 6.51 -5.90
CA TYR A 7 -1.87 6.15 -6.05
C TYR A 7 -1.22 6.06 -4.67
N VAL A 8 -1.45 7.05 -3.84
CA VAL A 8 -0.86 7.02 -2.47
C VAL A 8 -1.46 5.85 -1.67
N LEU A 9 -2.69 5.50 -1.97
CA LEU A 9 -3.34 4.36 -1.25
C LEU A 9 -2.85 3.03 -1.84
N LYS A 10 -2.71 2.96 -3.15
CA LYS A 10 -2.23 1.69 -3.78
C LYS A 10 -0.76 1.46 -3.43
N PHE A 11 0.04 2.50 -3.49
CA PHE A 11 1.49 2.36 -3.13
C PHE A 11 1.62 1.98 -1.66
N PHE A 12 0.85 2.60 -0.80
CA PHE A 12 0.92 2.29 0.66
C PHE A 12 0.47 0.83 0.89
N LEU A 13 -0.57 0.40 0.22
CA LEU A 13 -1.05 -1.00 0.39
C LEU A 13 0.04 -1.99 -0.04
N LEU A 14 0.81 -1.64 -1.04
CA LEU A 14 1.91 -2.54 -1.52
C LEU A 14 3.04 -2.59 -0.49
N VAL A 15 3.43 -1.46 0.03
CA VAL A 15 4.53 -1.42 1.04
C VAL A 15 4.03 -1.93 2.39
N PHE A 16 2.87 -1.50 2.82
CA PHE A 16 2.32 -1.95 4.13
C PHE A 16 1.96 -3.45 4.04
N GLY A 17 1.50 -3.90 2.90
CA GLY A 17 1.14 -5.34 2.74
C GLY A 17 2.40 -6.20 2.91
N GLU A 18 3.47 -5.86 2.22
CA GLU A 18 4.73 -6.66 2.35
C GLU A 18 5.22 -6.67 3.81
N ASN A 19 4.99 -5.60 4.52
CA ASN A 19 5.43 -5.54 5.96
C ASN A 19 4.70 -6.62 6.77
N GLY A 20 3.47 -6.89 6.41
CA GLY A 20 2.69 -7.94 7.15
C GLY A 20 2.92 -9.31 6.50
N VAL A 21 2.97 -9.36 5.19
CA VAL A 21 3.19 -10.68 4.50
C VAL A 21 4.61 -11.20 4.78
N PHE A 22 5.56 -10.32 5.03
CA PHE A 22 6.94 -10.78 5.31
C PHE A 22 7.22 -10.79 6.83
N PHE A 23 6.19 -10.94 7.64
CA PHE A 23 6.39 -10.96 9.12
C PHE A 23 5.19 -11.62 9.81
N TYR A 24 4.72 -12.73 9.28
CA TYR A 24 3.56 -13.43 9.89
C TYR A 24 3.84 -14.94 10.05
N LYS A 25 5.09 -15.30 10.32
CA LYS A 25 5.46 -16.74 10.50
C LYS A 25 5.02 -17.57 9.27
N HIS A 1 -8.98 16.51 -2.28
CA HIS A 1 -9.32 15.06 -2.42
C HIS A 1 -9.62 14.72 -3.89
N ALA A 2 -8.69 15.00 -4.78
CA ALA A 2 -8.92 14.71 -6.23
C ALA A 2 -7.58 14.48 -6.92
N TRP A 3 -7.49 13.49 -7.79
CA TRP A 3 -6.22 13.18 -8.52
C TRP A 3 -5.15 12.68 -7.54
N TYR A 4 -4.18 11.93 -8.04
CA TYR A 4 -3.08 11.37 -7.18
C TYR A 4 -3.60 10.90 -5.80
N SER A 5 -4.82 10.43 -5.73
CA SER A 5 -5.39 9.97 -4.42
C SER A 5 -5.39 8.43 -4.35
N HIS A 6 -5.67 7.78 -5.44
CA HIS A 6 -5.69 6.28 -5.44
C HIS A 6 -4.26 5.73 -5.62
N TYR A 7 -3.40 6.48 -6.26
CA TYR A 7 -1.99 6.01 -6.45
C TYR A 7 -1.30 5.92 -5.08
N VAL A 8 -1.40 6.97 -4.30
CA VAL A 8 -0.76 6.97 -2.95
C VAL A 8 -1.43 5.91 -2.07
N LEU A 9 -2.68 5.58 -2.34
CA LEU A 9 -3.39 4.54 -1.55
C LEU A 9 -2.88 3.15 -1.93
N LYS A 10 -2.56 2.95 -3.19
CA LYS A 10 -2.04 1.62 -3.63
C LYS A 10 -0.61 1.41 -3.10
N PHE A 11 0.23 2.41 -3.22
CA PHE A 11 1.63 2.29 -2.72
C PHE A 11 1.65 1.99 -1.22
N PHE A 12 0.81 2.68 -0.46
CA PHE A 12 0.77 2.43 1.02
C PHE A 12 0.34 0.99 1.29
N LEU A 13 -0.70 0.53 0.63
CA LEU A 13 -1.17 -0.88 0.83
C LEU A 13 -0.10 -1.85 0.32
N LEU A 14 0.60 -1.48 -0.73
CA LEU A 14 1.67 -2.37 -1.29
C LEU A 14 2.86 -2.42 -0.34
N VAL A 15 3.20 -1.31 0.27
CA VAL A 15 4.36 -1.28 1.21
C VAL A 15 3.96 -1.93 2.55
N PHE A 16 2.89 -1.48 3.16
CA PHE A 16 2.45 -2.09 4.45
C PHE A 16 2.06 -3.56 4.25
N GLY A 17 1.47 -3.88 3.12
CA GLY A 17 1.08 -5.30 2.86
C GLY A 17 2.33 -6.19 2.84
N GLU A 18 3.37 -5.76 2.18
CA GLU A 18 4.62 -6.58 2.13
C GLU A 18 5.23 -6.71 3.53
N ASN A 19 5.11 -5.69 4.34
CA ASN A 19 5.68 -5.77 5.73
C ASN A 19 4.98 -6.86 6.54
N GLY A 20 3.79 -7.26 6.14
CA GLY A 20 3.06 -8.33 6.88
C GLY A 20 3.03 -9.62 6.07
N VAL A 21 2.90 -9.54 4.77
CA VAL A 21 2.86 -10.78 3.92
C VAL A 21 4.29 -11.29 3.63
N PHE A 22 5.27 -10.44 3.70
CA PHE A 22 6.67 -10.88 3.41
C PHE A 22 7.47 -11.06 4.71
N PHE A 23 6.82 -10.99 5.86
CA PHE A 23 7.56 -11.15 7.15
C PHE A 23 6.76 -12.00 8.13
N TYR A 24 5.95 -12.92 7.65
CA TYR A 24 5.15 -13.77 8.56
C TYR A 24 5.68 -15.22 8.57
N LYS A 25 6.53 -15.56 7.63
CA LYS A 25 7.08 -16.95 7.57
C LYS A 25 8.56 -16.90 7.17
N HIS A 1 -6.50 17.94 -5.53
CA HIS A 1 -7.88 17.43 -5.72
C HIS A 1 -8.07 16.95 -7.16
N ALA A 2 -7.64 15.75 -7.46
CA ALA A 2 -7.79 15.22 -8.85
C ALA A 2 -8.10 13.72 -8.83
N TRP A 3 -8.86 13.28 -7.85
CA TRP A 3 -9.22 11.81 -7.74
C TRP A 3 -7.96 10.94 -7.82
N TYR A 4 -7.00 11.18 -6.96
CA TYR A 4 -5.75 10.35 -6.98
C TYR A 4 -5.48 9.73 -5.59
N SER A 5 -6.51 9.56 -4.78
CA SER A 5 -6.31 8.95 -3.43
C SER A 5 -5.95 7.46 -3.54
N HIS A 6 -6.25 6.85 -4.65
CA HIS A 6 -5.91 5.40 -4.82
C HIS A 6 -4.41 5.22 -5.04
N TYR A 7 -3.76 6.22 -5.56
CA TYR A 7 -2.28 6.11 -5.80
C TYR A 7 -1.55 5.98 -4.47
N VAL A 8 -1.85 6.84 -3.53
CA VAL A 8 -1.19 6.74 -2.18
C VAL A 8 -1.65 5.44 -1.50
N LEU A 9 -2.82 4.96 -1.82
CA LEU A 9 -3.33 3.69 -1.22
C LEU A 9 -2.60 2.51 -1.87
N LYS A 10 -2.42 2.56 -3.17
CA LYS A 10 -1.71 1.44 -3.88
C LYS A 10 -0.23 1.44 -3.48
N PHE A 11 0.38 2.60 -3.38
CA PHE A 11 1.82 2.66 -2.98
C PHE A 11 1.97 2.22 -1.53
N PHE A 12 1.06 2.62 -0.67
CA PHE A 12 1.15 2.21 0.77
C PHE A 12 0.90 0.71 0.90
N LEU A 13 -0.05 0.17 0.18
CA LEU A 13 -0.34 -1.29 0.25
C LEU A 13 0.85 -2.09 -0.31
N LEU A 14 1.60 -1.51 -1.22
CA LEU A 14 2.77 -2.23 -1.81
C LEU A 14 3.91 -2.31 -0.79
N VAL A 15 4.03 -1.32 0.06
CA VAL A 15 5.12 -1.33 1.08
C VAL A 15 4.58 -1.85 2.42
N PHE A 16 3.59 -1.18 2.96
CA PHE A 16 3.00 -1.62 4.27
C PHE A 16 2.20 -2.93 4.10
N GLY A 17 1.59 -3.13 2.96
CA GLY A 17 0.80 -4.38 2.73
C GLY A 17 1.73 -5.59 2.75
N GLU A 18 2.82 -5.53 2.03
CA GLU A 18 3.79 -6.68 2.03
C GLU A 18 4.28 -6.95 3.45
N ASN A 19 4.62 -5.92 4.17
CA ASN A 19 5.09 -6.10 5.58
C ASN A 19 3.99 -6.77 6.40
N GLY A 20 2.76 -6.39 6.17
CA GLY A 20 1.63 -7.02 6.91
C GLY A 20 1.46 -8.47 6.44
N VAL A 21 1.47 -8.69 5.15
CA VAL A 21 1.33 -10.09 4.62
C VAL A 21 2.50 -10.96 5.11
N PHE A 22 3.65 -10.37 5.28
CA PHE A 22 4.84 -11.15 5.76
C PHE A 22 4.82 -11.31 7.29
N PHE A 23 3.94 -10.61 7.97
CA PHE A 23 3.88 -10.73 9.46
C PHE A 23 2.50 -11.28 9.89
N TYR A 24 1.81 -11.96 9.01
CA TYR A 24 0.47 -12.52 9.38
C TYR A 24 0.25 -13.86 8.67
N LYS A 25 1.02 -14.86 9.00
CA LYS A 25 0.86 -16.20 8.35
C LYS A 25 0.41 -17.24 9.39
N HIS A 1 -8.92 15.54 -7.10
CA HIS A 1 -7.53 15.59 -6.56
C HIS A 1 -6.51 15.32 -7.68
N ALA A 2 -6.57 16.09 -8.75
CA ALA A 2 -5.61 15.91 -9.89
C ALA A 2 -5.57 14.43 -10.36
N TRP A 3 -6.66 13.71 -10.19
CA TRP A 3 -6.71 12.28 -10.62
C TRP A 3 -5.51 11.49 -10.03
N TYR A 4 -5.08 11.84 -8.85
CA TYR A 4 -3.93 11.11 -8.24
C TYR A 4 -4.19 10.85 -6.75
N SER A 5 -5.31 10.25 -6.42
CA SER A 5 -5.62 9.97 -4.99
C SER A 5 -5.57 8.45 -4.71
N HIS A 6 -5.63 7.64 -5.74
CA HIS A 6 -5.57 6.16 -5.53
C HIS A 6 -4.11 5.68 -5.53
N TYR A 7 -3.23 6.38 -6.20
CA TYR A 7 -1.80 5.97 -6.23
C TYR A 7 -1.21 6.01 -4.81
N VAL A 8 -1.46 7.07 -4.09
CA VAL A 8 -0.94 7.17 -2.70
C VAL A 8 -1.61 6.10 -1.82
N LEU A 9 -2.79 5.67 -2.19
CA LEU A 9 -3.50 4.61 -1.40
C LEU A 9 -3.02 3.22 -1.83
N LYS A 10 -2.77 3.03 -3.11
CA LYS A 10 -2.30 1.70 -3.59
C LYS A 10 -0.83 1.48 -3.20
N PHE A 11 -0.02 2.50 -3.33
CA PHE A 11 1.43 2.35 -2.96
C PHE A 11 1.58 2.01 -1.48
N PHE A 12 0.84 2.68 -0.63
CA PHE A 12 0.93 2.40 0.84
C PHE A 12 0.47 0.97 1.13
N LEU A 13 -0.60 0.54 0.50
CA LEU A 13 -1.10 -0.85 0.73
C LEU A 13 -0.06 -1.88 0.26
N LEU A 14 0.67 -1.57 -0.79
CA LEU A 14 1.70 -2.52 -1.29
C LEU A 14 2.88 -2.59 -0.32
N VAL A 15 3.35 -1.46 0.12
CA VAL A 15 4.50 -1.44 1.08
C VAL A 15 4.06 -1.99 2.44
N PHE A 16 2.92 -1.55 2.93
CA PHE A 16 2.42 -2.08 4.24
C PHE A 16 2.09 -3.57 4.12
N GLY A 17 1.55 -3.98 3.00
CA GLY A 17 1.21 -5.42 2.80
C GLY A 17 2.51 -6.26 2.84
N GLU A 18 3.55 -5.80 2.22
CA GLU A 18 4.84 -6.56 2.23
C GLU A 18 5.37 -6.71 3.65
N ASN A 19 5.16 -5.72 4.47
CA ASN A 19 5.64 -5.78 5.89
C ASN A 19 4.83 -6.80 6.71
N GLY A 20 3.67 -7.19 6.24
CA GLY A 20 2.83 -8.16 7.00
C GLY A 20 2.70 -9.49 6.25
N VAL A 21 2.75 -9.48 4.94
CA VAL A 21 2.60 -10.76 4.17
C VAL A 21 3.96 -11.29 3.72
N PHE A 22 4.82 -10.44 3.22
CA PHE A 22 6.16 -10.91 2.75
C PHE A 22 6.99 -11.43 3.94
N PHE A 23 6.72 -10.97 5.14
CA PHE A 23 7.49 -11.45 6.33
C PHE A 23 6.62 -12.38 7.18
N TYR A 24 5.77 -11.82 8.01
CA TYR A 24 4.88 -12.66 8.89
C TYR A 24 5.70 -13.73 9.63
N LYS A 25 6.81 -13.34 10.22
CA LYS A 25 7.66 -14.32 10.95
C LYS A 25 8.29 -13.66 12.20
N HIS A 1 -14.60 17.48 -2.41
CA HIS A 1 -13.37 16.62 -2.46
C HIS A 1 -13.13 16.13 -3.88
N ALA A 2 -11.99 15.53 -4.14
CA ALA A 2 -11.68 15.03 -5.51
C ALA A 2 -11.23 13.57 -5.46
N TRP A 3 -11.03 12.94 -6.59
CA TRP A 3 -10.59 11.52 -6.61
C TRP A 3 -9.08 11.42 -6.85
N TYR A 4 -8.29 11.66 -5.83
CA TYR A 4 -6.80 11.58 -5.99
C TYR A 4 -6.15 10.89 -4.78
N SER A 5 -6.91 10.11 -4.04
CA SER A 5 -6.32 9.40 -2.85
C SER A 5 -6.19 7.90 -3.14
N HIS A 6 -6.12 7.51 -4.40
CA HIS A 6 -5.98 6.07 -4.74
C HIS A 6 -4.51 5.73 -5.02
N TYR A 7 -3.81 6.61 -5.68
CA TYR A 7 -2.36 6.35 -5.96
C TYR A 7 -1.58 6.26 -4.65
N VAL A 8 -1.86 7.16 -3.74
CA VAL A 8 -1.16 7.13 -2.42
C VAL A 8 -1.55 5.86 -1.65
N LEU A 9 -2.75 5.38 -1.86
CA LEU A 9 -3.20 4.13 -1.17
C LEU A 9 -2.60 2.91 -1.87
N LYS A 10 -2.47 2.97 -3.18
CA LYS A 10 -1.88 1.82 -3.93
C LYS A 10 -0.43 1.60 -3.49
N PHE A 11 0.34 2.65 -3.37
CA PHE A 11 1.76 2.51 -2.93
C PHE A 11 1.82 1.94 -1.51
N PHE A 12 0.94 2.39 -0.65
CA PHE A 12 0.93 1.87 0.76
C PHE A 12 0.58 0.37 0.76
N LEU A 13 -0.34 -0.04 -0.08
CA LEU A 13 -0.72 -1.49 -0.14
C LEU A 13 0.47 -2.32 -0.67
N LEU A 14 1.24 -1.76 -1.58
CA LEU A 14 2.41 -2.51 -2.14
C LEU A 14 3.59 -2.52 -1.14
N VAL A 15 3.69 -1.50 -0.32
CA VAL A 15 4.81 -1.44 0.67
C VAL A 15 4.36 -1.99 2.02
N PHE A 16 3.34 -1.40 2.61
CA PHE A 16 2.85 -1.88 3.94
C PHE A 16 2.28 -3.29 3.84
N GLY A 17 1.83 -3.70 2.67
CA GLY A 17 1.27 -5.08 2.51
C GLY A 17 2.31 -6.12 2.94
N GLU A 18 3.50 -6.04 2.39
CA GLU A 18 4.58 -7.01 2.78
C GLU A 18 4.91 -6.89 4.26
N ASN A 19 4.80 -5.70 4.81
CA ASN A 19 5.10 -5.49 6.27
C ASN A 19 4.10 -6.26 7.14
N GLY A 20 2.95 -6.60 6.60
CA GLY A 20 1.93 -7.33 7.40
C GLY A 20 1.78 -8.77 6.88
N VAL A 21 1.88 -8.97 5.59
CA VAL A 21 1.73 -10.35 5.01
C VAL A 21 2.86 -11.28 5.50
N PHE A 22 3.98 -10.73 5.89
CA PHE A 22 5.11 -11.59 6.38
C PHE A 22 4.65 -12.51 7.53
N PHE A 23 3.64 -12.12 8.24
CA PHE A 23 3.12 -12.96 9.37
C PHE A 23 1.61 -12.74 9.56
N TYR A 24 0.90 -12.45 8.48
CA TYR A 24 -0.59 -12.21 8.53
C TYR A 24 -1.02 -11.45 9.79
N LYS A 25 -0.16 -10.60 10.32
CA LYS A 25 -0.51 -9.80 11.54
C LYS A 25 -1.07 -10.72 12.65
N HIS A 1 -4.00 17.59 -10.10
CA HIS A 1 -5.33 18.21 -9.83
C HIS A 1 -6.37 17.11 -9.53
N ALA A 2 -6.67 16.27 -10.48
CA ALA A 2 -7.67 15.19 -10.25
C ALA A 2 -7.02 13.81 -10.46
N TRP A 3 -7.75 12.75 -10.17
CA TRP A 3 -7.20 11.37 -10.36
C TRP A 3 -5.81 11.24 -9.72
N TYR A 4 -5.70 11.47 -8.44
CA TYR A 4 -4.37 11.38 -7.75
C TYR A 4 -4.55 10.97 -6.27
N SER A 5 -5.66 10.36 -5.92
CA SER A 5 -5.88 9.96 -4.50
C SER A 5 -5.93 8.42 -4.37
N HIS A 6 -5.70 7.71 -5.44
CA HIS A 6 -5.73 6.22 -5.38
C HIS A 6 -4.30 5.65 -5.44
N TYR A 7 -3.40 6.33 -6.09
CA TYR A 7 -1.99 5.84 -6.17
C TYR A 7 -1.39 5.78 -4.76
N VAL A 8 -1.62 6.80 -3.97
CA VAL A 8 -1.09 6.80 -2.57
C VAL A 8 -1.70 5.63 -1.79
N LEU A 9 -2.91 5.25 -2.13
CA LEU A 9 -3.56 4.10 -1.42
C LEU A 9 -2.90 2.79 -1.86
N LYS A 10 -2.63 2.64 -3.14
CA LYS A 10 -1.96 1.39 -3.63
C LYS A 10 -0.51 1.36 -3.15
N PHE A 11 0.18 2.47 -3.23
CA PHE A 11 1.61 2.52 -2.78
C PHE A 11 1.72 2.14 -1.29
N PHE A 12 0.82 2.62 -0.48
CA PHE A 12 0.88 2.27 0.98
C PHE A 12 0.63 0.77 1.17
N LEU A 13 -0.36 0.24 0.51
CA LEU A 13 -0.65 -1.23 0.64
C LEU A 13 0.49 -2.05 0.03
N LEU A 14 1.16 -1.53 -0.97
CA LEU A 14 2.29 -2.28 -1.60
C LEU A 14 3.52 -2.28 -0.69
N VAL A 15 3.60 -1.35 0.22
CA VAL A 15 4.78 -1.31 1.15
C VAL A 15 4.37 -1.84 2.53
N PHE A 16 3.39 -1.24 3.14
CA PHE A 16 2.93 -1.72 4.49
C PHE A 16 2.24 -3.09 4.35
N GLY A 17 1.53 -3.31 3.27
CA GLY A 17 0.85 -4.63 3.07
C GLY A 17 1.91 -5.72 2.94
N GLU A 18 2.94 -5.47 2.15
CA GLU A 18 4.02 -6.48 1.98
C GLU A 18 4.68 -6.77 3.34
N ASN A 19 4.83 -5.76 4.16
CA ASN A 19 5.44 -5.97 5.52
C ASN A 19 4.61 -6.97 6.32
N GLY A 20 3.33 -7.02 6.09
CA GLY A 20 2.45 -7.98 6.83
C GLY A 20 2.35 -9.29 6.03
N VAL A 21 2.23 -9.20 4.73
CA VAL A 21 2.13 -10.44 3.89
C VAL A 21 3.43 -11.25 3.95
N PHE A 22 4.55 -10.58 3.94
CA PHE A 22 5.87 -11.32 3.99
C PHE A 22 6.20 -11.75 5.43
N PHE A 23 5.39 -11.37 6.39
CA PHE A 23 5.67 -11.77 7.81
C PHE A 23 4.52 -12.65 8.34
N TYR A 24 3.89 -13.41 7.48
CA TYR A 24 2.76 -14.30 7.91
C TYR A 24 2.78 -15.60 7.11
N LYS A 25 3.82 -16.37 7.23
CA LYS A 25 3.91 -17.66 6.48
C LYS A 25 4.19 -18.83 7.44
N HIS A 1 -12.37 15.56 -11.71
CA HIS A 1 -11.45 16.70 -12.00
C HIS A 1 -10.01 16.18 -12.17
N ALA A 2 -9.44 15.60 -11.16
CA ALA A 2 -8.04 15.07 -11.26
C ALA A 2 -7.92 13.71 -10.58
N TRP A 3 -6.98 12.90 -10.99
CA TRP A 3 -6.80 11.55 -10.37
C TRP A 3 -5.40 11.42 -9.77
N TYR A 4 -5.25 11.72 -8.51
CA TYR A 4 -3.90 11.60 -7.86
C TYR A 4 -4.03 11.18 -6.39
N SER A 5 -5.14 10.59 -6.01
CA SER A 5 -5.31 10.15 -4.58
C SER A 5 -5.42 8.62 -4.49
N HIS A 6 -5.42 7.93 -5.61
CA HIS A 6 -5.52 6.43 -5.57
C HIS A 6 -4.14 5.80 -5.61
N TYR A 7 -3.17 6.49 -6.17
CA TYR A 7 -1.78 5.93 -6.23
C TYR A 7 -1.20 5.89 -4.82
N VAL A 8 -1.36 6.96 -4.08
CA VAL A 8 -0.83 6.98 -2.68
C VAL A 8 -1.53 5.90 -1.84
N LEU A 9 -2.77 5.61 -2.14
CA LEU A 9 -3.51 4.55 -1.39
C LEU A 9 -3.04 3.16 -1.85
N LYS A 10 -2.81 3.01 -3.13
CA LYS A 10 -2.34 1.68 -3.66
C LYS A 10 -0.88 1.45 -3.27
N PHE A 11 -0.07 2.49 -3.32
CA PHE A 11 1.37 2.34 -2.95
C PHE A 11 1.52 1.98 -1.47
N PHE A 12 0.79 2.67 -0.61
CA PHE A 12 0.88 2.37 0.86
C PHE A 12 0.43 0.92 1.13
N LEU A 13 -0.67 0.51 0.55
CA LEU A 13 -1.16 -0.88 0.77
C LEU A 13 -0.13 -1.91 0.27
N LEU A 14 0.59 -1.59 -0.77
CA LEU A 14 1.62 -2.54 -1.29
C LEU A 14 2.81 -2.61 -0.33
N VAL A 15 3.30 -1.47 0.09
CA VAL A 15 4.46 -1.45 1.05
C VAL A 15 4.01 -2.00 2.40
N PHE A 16 2.89 -1.55 2.90
CA PHE A 16 2.39 -2.06 4.22
C PHE A 16 2.06 -3.55 4.11
N GLY A 17 1.55 -3.99 2.98
CA GLY A 17 1.23 -5.43 2.80
C GLY A 17 2.53 -6.24 2.85
N GLU A 18 3.57 -5.75 2.23
CA GLU A 18 4.88 -6.49 2.26
C GLU A 18 5.41 -6.56 3.69
N ASN A 19 5.07 -5.60 4.52
CA ASN A 19 5.55 -5.63 5.93
C ASN A 19 4.85 -6.76 6.71
N GLY A 20 3.69 -7.16 6.27
CA GLY A 20 2.96 -8.25 6.97
C GLY A 20 3.08 -9.57 6.18
N VAL A 21 3.20 -9.50 4.88
CA VAL A 21 3.32 -10.75 4.06
C VAL A 21 4.78 -11.04 3.71
N PHE A 22 5.55 -10.02 3.39
CA PHE A 22 6.98 -10.25 3.03
C PHE A 22 7.92 -9.82 4.19
N PHE A 23 7.38 -9.56 5.36
CA PHE A 23 8.26 -9.15 6.51
C PHE A 23 7.58 -9.50 7.84
N TYR A 24 7.10 -10.71 7.98
CA TYR A 24 6.42 -11.10 9.25
C TYR A 24 6.63 -12.60 9.52
N LYS A 25 7.82 -13.10 9.28
CA LYS A 25 8.12 -14.54 9.52
C LYS A 25 9.27 -14.70 10.51
N HIS A 1 -13.30 17.92 -6.55
CA HIS A 1 -11.94 18.00 -7.16
C HIS A 1 -10.96 17.07 -6.43
N ALA A 2 -11.13 15.78 -6.56
CA ALA A 2 -10.22 14.82 -5.86
C ALA A 2 -10.27 13.45 -6.55
N TRP A 3 -9.15 12.99 -7.07
CA TRP A 3 -9.12 11.65 -7.76
C TRP A 3 -7.72 11.04 -7.72
N TYR A 4 -6.93 11.37 -6.72
CA TYR A 4 -5.54 10.79 -6.64
C TYR A 4 -5.31 10.09 -5.29
N SER A 5 -6.36 9.78 -4.57
CA SER A 5 -6.20 9.09 -3.25
C SER A 5 -5.93 7.59 -3.44
N HIS A 6 -6.20 7.06 -4.61
CA HIS A 6 -5.94 5.60 -4.85
C HIS A 6 -4.46 5.35 -5.09
N TYR A 7 -3.77 6.31 -5.68
CA TYR A 7 -2.30 6.13 -5.93
C TYR A 7 -1.56 6.01 -4.61
N VAL A 8 -1.83 6.91 -3.69
CA VAL A 8 -1.14 6.84 -2.36
C VAL A 8 -1.57 5.56 -1.63
N LEU A 9 -2.75 5.08 -1.91
CA LEU A 9 -3.23 3.82 -1.25
C LEU A 9 -2.51 2.62 -1.87
N LYS A 10 -2.26 2.66 -3.16
CA LYS A 10 -1.55 1.52 -3.83
C LYS A 10 -0.12 1.41 -3.29
N PHE A 11 0.54 2.53 -3.10
CA PHE A 11 1.94 2.49 -2.56
C PHE A 11 1.93 1.93 -1.14
N PHE A 12 1.00 2.39 -0.32
CA PHE A 12 0.93 1.89 1.09
C PHE A 12 0.65 0.38 1.08
N LEU A 13 -0.24 -0.08 0.23
CA LEU A 13 -0.53 -1.54 0.17
C LEU A 13 0.66 -2.30 -0.43
N LEU A 14 1.41 -1.66 -1.29
CA LEU A 14 2.60 -2.34 -1.91
C LEU A 14 3.76 -2.39 -0.91
N VAL A 15 3.92 -1.37 -0.11
CA VAL A 15 5.03 -1.35 0.88
C VAL A 15 4.53 -1.84 2.25
N PHE A 16 3.56 -1.15 2.82
CA PHE A 16 3.02 -1.57 4.15
C PHE A 16 2.25 -2.90 4.02
N GLY A 17 1.59 -3.13 2.91
CA GLY A 17 0.83 -4.41 2.74
C GLY A 17 1.80 -5.58 2.76
N GLU A 18 2.89 -5.48 2.04
CA GLU A 18 3.89 -6.60 2.02
C GLU A 18 4.43 -6.83 3.44
N ASN A 19 4.65 -5.77 4.18
CA ASN A 19 5.16 -5.92 5.58
C ASN A 19 4.09 -6.60 6.45
N GLY A 20 2.84 -6.31 6.18
CA GLY A 20 1.74 -6.94 6.97
C GLY A 20 1.52 -8.39 6.51
N VAL A 21 1.67 -8.65 5.23
CA VAL A 21 1.47 -10.05 4.73
C VAL A 21 2.55 -11.00 5.29
N PHE A 22 3.64 -10.46 5.77
CA PHE A 22 4.73 -11.33 6.34
C PHE A 22 5.18 -12.37 5.31
N PHE A 23 5.12 -12.03 4.04
CA PHE A 23 5.52 -12.98 2.95
C PHE A 23 4.71 -14.27 3.03
N TYR A 24 3.45 -14.18 3.38
CA TYR A 24 2.58 -15.39 3.47
C TYR A 24 1.64 -15.46 2.26
N LYS A 25 2.18 -15.26 1.08
CA LYS A 25 1.34 -15.30 -0.16
C LYS A 25 1.13 -16.76 -0.61
N HIS A 1 -5.27 17.92 -7.30
CA HIS A 1 -5.78 18.65 -8.50
C HIS A 1 -6.47 17.67 -9.45
N ALA A 2 -5.76 16.69 -9.95
CA ALA A 2 -6.37 15.69 -10.89
C ALA A 2 -6.85 14.45 -10.13
N TRP A 3 -7.38 13.48 -10.82
CA TRP A 3 -7.87 12.24 -10.14
C TRP A 3 -6.70 11.28 -9.90
N TYR A 4 -5.79 11.64 -9.03
CA TYR A 4 -4.63 10.75 -8.74
C TYR A 4 -4.48 10.54 -7.22
N SER A 5 -5.56 10.19 -6.57
CA SER A 5 -5.50 9.97 -5.08
C SER A 5 -5.49 8.47 -4.76
N HIS A 6 -5.91 7.64 -5.67
CA HIS A 6 -5.92 6.16 -5.42
C HIS A 6 -4.51 5.58 -5.62
N TYR A 7 -3.74 6.16 -6.50
CA TYR A 7 -2.35 5.64 -6.74
C TYR A 7 -1.51 5.74 -5.47
N VAL A 8 -1.48 6.89 -4.86
CA VAL A 8 -0.70 7.04 -3.59
C VAL A 8 -1.24 6.09 -2.51
N LEU A 9 -2.53 5.81 -2.55
CA LEU A 9 -3.12 4.87 -1.55
C LEU A 9 -2.66 3.44 -1.85
N LYS A 10 -2.59 3.08 -3.11
CA LYS A 10 -2.14 1.70 -3.49
C LYS A 10 -0.69 1.49 -3.03
N PHE A 11 0.15 2.49 -3.18
CA PHE A 11 1.57 2.37 -2.73
C PHE A 11 1.63 2.16 -1.21
N PHE A 12 0.84 2.91 -0.47
CA PHE A 12 0.82 2.76 1.01
C PHE A 12 0.43 1.32 1.39
N LEU A 13 -0.54 0.77 0.70
CA LEU A 13 -0.97 -0.63 0.99
C LEU A 13 0.15 -1.61 0.62
N LEU A 14 0.85 -1.35 -0.45
CA LEU A 14 1.97 -2.26 -0.87
C LEU A 14 3.09 -2.24 0.17
N VAL A 15 3.30 -1.12 0.81
CA VAL A 15 4.38 -1.03 1.84
C VAL A 15 3.98 -1.82 3.09
N PHE A 16 2.79 -1.60 3.61
CA PHE A 16 2.35 -2.35 4.83
C PHE A 16 2.01 -3.80 4.47
N GLY A 17 1.41 -4.03 3.32
CA GLY A 17 1.05 -5.41 2.91
C GLY A 17 2.31 -6.26 2.74
N GLU A 18 3.31 -5.74 2.07
CA GLU A 18 4.58 -6.52 1.88
C GLU A 18 5.20 -6.84 3.24
N ASN A 19 5.13 -5.94 4.18
CA ASN A 19 5.72 -6.20 5.53
C ASN A 19 4.98 -7.36 6.20
N GLY A 20 3.71 -7.51 5.93
CA GLY A 20 2.93 -8.62 6.54
C GLY A 20 3.11 -9.89 5.70
N VAL A 21 3.11 -9.77 4.39
CA VAL A 21 3.29 -10.97 3.51
C VAL A 21 4.69 -11.56 3.69
N PHE A 22 5.66 -10.73 3.99
CA PHE A 22 7.06 -11.26 4.18
C PHE A 22 7.25 -11.86 5.58
N PHE A 23 6.21 -11.89 6.38
CA PHE A 23 6.33 -12.47 7.75
C PHE A 23 5.48 -13.74 7.86
N TYR A 24 5.37 -14.49 6.80
CA TYR A 24 4.56 -15.74 6.83
C TYR A 24 5.09 -16.74 5.79
N LYS A 25 6.33 -17.10 5.89
CA LYS A 25 6.93 -18.07 4.91
C LYS A 25 7.76 -19.12 5.65
N HIS A 1 -6.18 12.53 -14.40
CA HIS A 1 -5.98 13.88 -13.80
C HIS A 1 -6.83 14.03 -12.53
N ALA A 2 -8.13 13.95 -12.64
CA ALA A 2 -9.00 14.07 -11.43
C ALA A 2 -9.01 12.77 -10.63
N TRP A 3 -9.37 12.84 -9.37
CA TRP A 3 -9.40 11.61 -8.51
C TRP A 3 -8.04 10.89 -8.55
N TYR A 4 -6.96 11.63 -8.47
CA TYR A 4 -5.60 11.00 -8.49
C TYR A 4 -5.15 10.61 -7.08
N SER A 5 -6.03 10.68 -6.11
CA SER A 5 -5.65 10.30 -4.71
C SER A 5 -5.82 8.79 -4.48
N HIS A 6 -5.77 7.99 -5.52
CA HIS A 6 -5.91 6.51 -5.35
C HIS A 6 -4.56 5.81 -5.54
N TYR A 7 -3.73 6.32 -6.40
CA TYR A 7 -2.38 5.69 -6.62
C TYR A 7 -1.57 5.77 -5.33
N VAL A 8 -1.59 6.89 -4.67
CA VAL A 8 -0.83 7.03 -3.39
C VAL A 8 -1.36 6.02 -2.36
N LEU A 9 -2.64 5.72 -2.42
CA LEU A 9 -3.22 4.72 -1.47
C LEU A 9 -2.70 3.32 -1.81
N LYS A 10 -2.61 3.00 -3.08
CA LYS A 10 -2.10 1.64 -3.48
C LYS A 10 -0.63 1.50 -3.06
N PHE A 11 0.14 2.56 -3.16
CA PHE A 11 1.57 2.49 -2.75
C PHE A 11 1.68 2.21 -1.25
N PHE A 12 0.88 2.90 -0.45
CA PHE A 12 0.92 2.68 1.02
C PHE A 12 0.51 1.23 1.34
N LEU A 13 -0.54 0.75 0.71
CA LEU A 13 -0.99 -0.66 0.94
C LEU A 13 0.08 -1.64 0.44
N LEU A 14 0.73 -1.31 -0.65
CA LEU A 14 1.80 -2.21 -1.20
C LEU A 14 2.92 -2.38 -0.16
N VAL A 15 3.31 -1.30 0.46
CA VAL A 15 4.38 -1.37 1.51
C VAL A 15 3.84 -2.11 2.75
N PHE A 16 2.65 -1.78 3.17
CA PHE A 16 2.04 -2.45 4.35
C PHE A 16 1.86 -3.95 4.08
N GLY A 17 1.54 -4.31 2.86
CA GLY A 17 1.35 -5.75 2.52
C GLY A 17 2.69 -6.50 2.59
N GLU A 18 3.78 -5.84 2.24
CA GLU A 18 5.10 -6.52 2.28
C GLU A 18 5.45 -6.97 3.70
N ASN A 19 5.67 -6.04 4.60
CA ASN A 19 5.98 -6.44 6.01
C ASN A 19 4.81 -7.22 6.60
N GLY A 20 3.62 -7.01 6.09
CA GLY A 20 2.43 -7.76 6.59
C GLY A 20 2.57 -9.23 6.20
N VAL A 21 3.00 -9.49 4.98
CA VAL A 21 3.18 -10.92 4.54
C VAL A 21 4.39 -11.53 5.25
N PHE A 22 5.34 -10.72 5.64
CA PHE A 22 6.55 -11.25 6.36
C PHE A 22 6.15 -11.85 7.71
N PHE A 23 5.14 -11.31 8.34
CA PHE A 23 4.69 -11.86 9.66
C PHE A 23 3.32 -12.55 9.54
N TYR A 24 2.89 -12.85 8.33
CA TYR A 24 1.57 -13.52 8.15
C TYR A 24 1.58 -14.35 6.87
N LYS A 25 2.36 -15.40 6.85
CA LYS A 25 2.43 -16.27 5.64
C LYS A 25 2.27 -17.75 6.02
N HIS A 1 -10.92 10.19 -4.00
CA HIS A 1 -10.69 11.66 -3.93
C HIS A 1 -9.79 12.12 -5.09
N ALA A 2 -10.17 13.19 -5.75
CA ALA A 2 -9.35 13.72 -6.89
C ALA A 2 -9.08 12.60 -7.92
N TRP A 3 -8.00 12.72 -8.66
CA TRP A 3 -7.67 11.67 -9.69
C TRP A 3 -6.29 11.07 -9.40
N TYR A 4 -5.29 11.90 -9.21
CA TYR A 4 -3.92 11.39 -8.92
C TYR A 4 -3.77 10.95 -7.45
N SER A 5 -4.77 11.16 -6.64
CA SER A 5 -4.68 10.76 -5.19
C SER A 5 -5.10 9.29 -5.01
N HIS A 6 -4.98 8.47 -6.03
CA HIS A 6 -5.36 7.03 -5.90
C HIS A 6 -4.11 6.16 -5.86
N TYR A 7 -3.10 6.53 -6.60
CA TYR A 7 -1.83 5.72 -6.60
C TYR A 7 -1.21 5.72 -5.20
N VAL A 8 -1.27 6.84 -4.53
CA VAL A 8 -0.72 6.91 -3.13
C VAL A 8 -1.51 5.98 -2.22
N LEU A 9 -2.78 5.81 -2.48
CA LEU A 9 -3.62 4.90 -1.64
C LEU A 9 -3.23 3.43 -1.91
N LYS A 10 -2.93 3.10 -3.14
CA LYS A 10 -2.54 1.70 -3.48
C LYS A 10 -1.08 1.45 -3.07
N PHE A 11 -0.22 2.44 -3.22
CA PHE A 11 1.21 2.27 -2.85
C PHE A 11 1.35 2.02 -1.34
N PHE A 12 0.73 2.85 -0.52
CA PHE A 12 0.83 2.65 0.96
C PHE A 12 0.34 1.26 1.35
N LEU A 13 -0.77 0.82 0.79
CA LEU A 13 -1.32 -0.53 1.12
C LEU A 13 -0.32 -1.62 0.67
N LEU A 14 0.31 -1.42 -0.47
CA LEU A 14 1.29 -2.43 -0.97
C LEU A 14 2.49 -2.53 -0.01
N VAL A 15 2.96 -1.39 0.46
CA VAL A 15 4.12 -1.39 1.42
C VAL A 15 3.71 -2.07 2.73
N PHE A 16 2.50 -1.86 3.18
CA PHE A 16 2.03 -2.50 4.45
C PHE A 16 1.96 -4.03 4.27
N GLY A 17 1.51 -4.48 3.12
CA GLY A 17 1.42 -5.96 2.88
C GLY A 17 2.82 -6.56 2.87
N GLU A 18 3.75 -5.93 2.20
CA GLU A 18 5.15 -6.46 2.16
C GLU A 18 5.70 -6.59 3.58
N ASN A 19 5.34 -5.68 4.44
CA ASN A 19 5.82 -5.75 5.86
C ASN A 19 5.26 -7.01 6.53
N GLY A 20 4.05 -7.37 6.21
CA GLY A 20 3.43 -8.61 6.79
C GLY A 20 3.96 -9.84 6.06
N VAL A 21 4.15 -9.76 4.76
CA VAL A 21 4.66 -10.93 3.98
C VAL A 21 6.05 -11.35 4.50
N PHE A 22 6.77 -10.46 5.13
CA PHE A 22 8.12 -10.82 5.66
C PHE A 22 8.01 -11.52 7.02
N PHE A 23 6.85 -11.50 7.63
CA PHE A 23 6.68 -12.19 8.95
C PHE A 23 5.48 -13.16 8.92
N TYR A 24 5.16 -13.68 7.76
CA TYR A 24 4.01 -14.63 7.66
C TYR A 24 4.25 -15.64 6.52
N LYS A 25 5.44 -16.19 6.45
CA LYS A 25 5.75 -17.19 5.38
C LYS A 25 6.38 -18.45 5.98
N HIS A 1 -6.41 20.63 -7.49
CA HIS A 1 -6.73 19.44 -8.36
C HIS A 1 -5.43 18.71 -8.75
N ALA A 2 -5.26 17.49 -8.30
CA ALA A 2 -4.03 16.73 -8.64
C ALA A 2 -4.35 15.23 -8.78
N TRP A 3 -3.89 14.61 -9.84
CA TRP A 3 -4.17 13.15 -10.02
C TRP A 3 -3.17 12.32 -9.20
N TYR A 4 -3.35 12.26 -7.91
CA TYR A 4 -2.42 11.48 -7.04
C TYR A 4 -3.14 11.06 -5.75
N SER A 5 -4.38 10.67 -5.84
CA SER A 5 -5.15 10.24 -4.63
C SER A 5 -5.14 8.71 -4.52
N HIS A 6 -5.42 8.03 -5.59
CA HIS A 6 -5.42 6.54 -5.56
C HIS A 6 -3.99 5.99 -5.53
N TYR A 7 -3.03 6.77 -5.96
CA TYR A 7 -1.61 6.30 -5.95
C TYR A 7 -1.15 6.04 -4.51
N VAL A 8 -1.42 6.95 -3.62
CA VAL A 8 -1.01 6.75 -2.19
C VAL A 8 -1.80 5.58 -1.58
N LEU A 9 -2.98 5.32 -2.09
CA LEU A 9 -3.80 4.19 -1.56
C LEU A 9 -3.32 2.86 -2.17
N LYS A 10 -2.76 2.90 -3.36
CA LYS A 10 -2.28 1.64 -4.01
C LYS A 10 -0.81 1.38 -3.63
N PHE A 11 -0.01 2.41 -3.53
CA PHE A 11 1.43 2.22 -3.19
C PHE A 11 1.58 1.90 -1.70
N PHE A 12 0.96 2.68 -0.83
CA PHE A 12 1.09 2.41 0.64
C PHE A 12 0.57 1.01 0.98
N LEU A 13 -0.57 0.64 0.47
CA LEU A 13 -1.14 -0.72 0.74
C LEU A 13 -0.14 -1.81 0.30
N LEU A 14 0.54 -1.58 -0.80
CA LEU A 14 1.54 -2.59 -1.29
C LEU A 14 2.74 -2.65 -0.34
N VAL A 15 3.27 -1.52 0.03
CA VAL A 15 4.45 -1.48 0.97
C VAL A 15 4.03 -2.00 2.35
N PHE A 16 2.91 -1.52 2.87
CA PHE A 16 2.44 -1.99 4.20
C PHE A 16 2.06 -3.48 4.13
N GLY A 17 1.55 -3.92 3.01
CA GLY A 17 1.16 -5.36 2.86
C GLY A 17 2.41 -6.23 2.96
N GLU A 18 3.47 -5.86 2.28
CA GLU A 18 4.73 -6.67 2.35
C GLU A 18 5.27 -6.69 3.78
N ASN A 19 5.13 -5.60 4.50
CA ASN A 19 5.63 -5.55 5.91
C ASN A 19 4.93 -6.62 6.77
N GLY A 20 3.78 -7.07 6.35
CA GLY A 20 3.05 -8.12 7.13
C GLY A 20 3.09 -9.46 6.39
N VAL A 21 3.00 -9.45 5.09
CA VAL A 21 3.03 -10.73 4.31
C VAL A 21 4.47 -11.23 4.10
N PHE A 22 5.36 -10.34 3.77
CA PHE A 22 6.79 -10.77 3.56
C PHE A 22 7.46 -11.18 4.88
N PHE A 23 6.89 -10.80 6.00
CA PHE A 23 7.49 -11.17 7.32
C PHE A 23 6.56 -12.13 8.07
N TYR A 24 6.10 -13.17 7.41
CA TYR A 24 5.19 -14.15 8.07
C TYR A 24 5.20 -15.48 7.30
N LYS A 25 6.35 -16.07 7.16
CA LYS A 25 6.44 -17.37 6.42
C LYS A 25 7.57 -18.25 6.98
N HIS A 1 -7.80 17.04 -5.54
CA HIS A 1 -8.74 16.25 -6.40
C HIS A 1 -8.48 14.74 -6.25
N ALA A 2 -9.17 13.93 -7.00
CA ALA A 2 -8.99 12.46 -6.90
C ALA A 2 -7.85 11.98 -7.83
N TRP A 3 -7.88 10.74 -8.23
CA TRP A 3 -6.81 10.17 -9.15
C TRP A 3 -5.47 10.09 -8.42
N TYR A 4 -4.86 11.20 -8.10
CA TYR A 4 -3.54 11.15 -7.38
C TYR A 4 -3.74 10.71 -5.92
N SER A 5 -4.92 10.91 -5.38
CA SER A 5 -5.20 10.48 -3.98
C SER A 5 -5.35 8.96 -3.90
N HIS A 6 -5.69 8.32 -4.99
CA HIS A 6 -5.85 6.84 -4.97
C HIS A 6 -4.54 6.16 -5.36
N TYR A 7 -3.77 6.76 -6.23
CA TYR A 7 -2.47 6.14 -6.63
C TYR A 7 -1.52 6.09 -5.43
N VAL A 8 -1.47 7.15 -4.66
CA VAL A 8 -0.59 7.16 -3.46
C VAL A 8 -1.10 6.12 -2.44
N LEU A 9 -2.38 5.85 -2.45
CA LEU A 9 -2.95 4.84 -1.52
C LEU A 9 -2.55 3.43 -2.00
N LYS A 10 -2.51 3.22 -3.29
CA LYS A 10 -2.12 1.88 -3.83
C LYS A 10 -0.69 1.54 -3.38
N PHE A 11 0.22 2.48 -3.49
CA PHE A 11 1.63 2.21 -3.06
C PHE A 11 1.66 1.92 -1.55
N PHE A 12 0.96 2.71 -0.76
CA PHE A 12 0.94 2.48 0.72
C PHE A 12 0.41 1.07 1.01
N LEU A 13 -0.69 0.69 0.41
CA LEU A 13 -1.25 -0.68 0.65
C LEU A 13 -0.20 -1.74 0.29
N LEU A 14 0.55 -1.52 -0.77
CA LEU A 14 1.60 -2.50 -1.17
C LEU A 14 2.65 -2.63 -0.05
N VAL A 15 3.00 -1.53 0.56
CA VAL A 15 4.01 -1.57 1.67
C VAL A 15 3.41 -2.29 2.89
N PHE A 16 2.13 -2.08 3.15
CA PHE A 16 1.48 -2.76 4.31
C PHE A 16 1.55 -4.28 4.14
N GLY A 17 1.30 -4.76 2.95
CA GLY A 17 1.37 -6.24 2.70
C GLY A 17 2.80 -6.73 2.92
N GLU A 18 3.76 -6.09 2.28
CA GLU A 18 5.18 -6.53 2.45
C GLU A 18 5.61 -6.39 3.92
N ASN A 19 5.07 -5.44 4.62
CA ASN A 19 5.42 -5.26 6.07
C ASN A 19 5.00 -6.49 6.88
N GLY A 20 4.07 -7.26 6.38
CA GLY A 20 3.61 -8.47 7.11
C GLY A 20 4.09 -9.74 6.39
N VAL A 21 4.03 -9.76 5.08
CA VAL A 21 4.48 -10.98 4.33
C VAL A 21 6.01 -11.02 4.23
N PHE A 22 6.62 -9.94 3.84
CA PHE A 22 8.12 -9.93 3.72
C PHE A 22 8.78 -10.05 5.10
N PHE A 23 8.06 -9.79 6.16
CA PHE A 23 8.65 -9.89 7.52
C PHE A 23 8.26 -11.22 8.20
N TYR A 24 7.79 -12.18 7.44
CA TYR A 24 7.39 -13.49 8.03
C TYR A 24 8.38 -14.59 7.61
N LYS A 25 9.64 -14.27 7.53
CA LYS A 25 10.67 -15.29 7.13
C LYS A 25 11.39 -15.84 8.37
N HIS A 1 -11.62 15.11 -5.36
CA HIS A 1 -11.53 16.15 -6.43
C HIS A 1 -10.19 16.04 -7.17
N ALA A 2 -9.10 16.13 -6.45
CA ALA A 2 -7.75 16.03 -7.11
C ALA A 2 -7.44 14.57 -7.45
N TRP A 3 -6.60 14.35 -8.43
CA TRP A 3 -6.23 12.96 -8.81
C TRP A 3 -5.11 12.43 -7.90
N TYR A 4 -4.59 11.26 -8.19
CA TYR A 4 -3.48 10.66 -7.37
C TYR A 4 -3.94 10.34 -5.92
N SER A 5 -5.18 10.60 -5.58
CA SER A 5 -5.68 10.28 -4.20
C SER A 5 -5.63 8.76 -3.97
N HIS A 6 -5.90 7.99 -5.00
CA HIS A 6 -5.85 6.50 -4.86
C HIS A 6 -4.45 6.00 -5.17
N TYR A 7 -3.70 6.74 -5.98
CA TYR A 7 -2.30 6.31 -6.32
C TYR A 7 -1.47 6.24 -5.04
N VAL A 8 -1.54 7.23 -4.21
CA VAL A 8 -0.76 7.22 -2.93
C VAL A 8 -1.25 6.05 -2.05
N LEU A 9 -2.52 5.71 -2.16
CA LEU A 9 -3.07 4.59 -1.35
C LEU A 9 -2.61 3.25 -1.94
N LYS A 10 -2.58 3.13 -3.25
CA LYS A 10 -2.13 1.85 -3.88
C LYS A 10 -0.68 1.55 -3.48
N PHE A 11 0.16 2.56 -3.46
CA PHE A 11 1.59 2.33 -3.06
C PHE A 11 1.67 1.96 -1.58
N PHE A 12 0.94 2.65 -0.75
CA PHE A 12 0.95 2.34 0.72
C PHE A 12 0.48 0.90 0.97
N LEU A 13 -0.60 0.50 0.32
CA LEU A 13 -1.12 -0.88 0.49
C LEU A 13 -0.06 -1.90 0.04
N LEU A 14 0.64 -1.60 -1.02
CA LEU A 14 1.70 -2.55 -1.52
C LEU A 14 2.80 -2.70 -0.47
N VAL A 15 3.24 -1.61 0.09
CA VAL A 15 4.32 -1.68 1.14
C VAL A 15 3.75 -2.30 2.42
N PHE A 16 2.49 -2.05 2.72
CA PHE A 16 1.87 -2.64 3.95
C PHE A 16 1.84 -4.17 3.85
N GLY A 17 1.61 -4.71 2.68
CA GLY A 17 1.57 -6.20 2.51
C GLY A 17 2.95 -6.76 2.85
N GLU A 18 4.00 -6.17 2.33
CA GLU A 18 5.37 -6.67 2.64
C GLU A 18 5.65 -6.54 4.13
N ASN A 19 5.18 -5.48 4.74
CA ASN A 19 5.38 -5.30 6.21
C ASN A 19 4.55 -6.35 6.98
N GLY A 20 3.37 -6.64 6.48
CA GLY A 20 2.50 -7.66 7.14
C GLY A 20 3.17 -9.03 7.02
N VAL A 21 3.71 -9.35 5.88
CA VAL A 21 4.40 -10.68 5.71
C VAL A 21 5.61 -10.77 6.65
N PHE A 22 6.26 -9.67 6.91
CA PHE A 22 7.44 -9.67 7.82
C PHE A 22 7.00 -9.87 9.28
N PHE A 23 5.79 -9.50 9.60
CA PHE A 23 5.29 -9.67 11.01
C PHE A 23 4.67 -11.07 11.17
N TYR A 24 5.24 -12.08 10.56
CA TYR A 24 4.70 -13.45 10.67
C TYR A 24 5.85 -14.47 10.73
N LYS A 25 6.88 -14.18 11.50
CA LYS A 25 8.03 -15.11 11.60
C LYS A 25 7.78 -16.16 12.68
N HIS A 1 -13.25 11.60 -13.82
CA HIS A 1 -12.07 12.45 -13.47
C HIS A 1 -10.79 11.59 -13.40
N ALA A 2 -9.64 12.21 -13.35
CA ALA A 2 -8.37 11.44 -13.28
C ALA A 2 -8.17 10.86 -11.88
N TRP A 3 -7.63 9.67 -11.78
CA TRP A 3 -7.42 9.05 -10.43
C TRP A 3 -6.01 9.38 -9.93
N TYR A 4 -5.82 10.56 -9.41
CA TYR A 4 -4.47 10.95 -8.89
C TYR A 4 -4.39 10.71 -7.37
N SER A 5 -5.49 10.38 -6.74
CA SER A 5 -5.47 10.12 -5.27
C SER A 5 -5.70 8.62 -4.98
N HIS A 6 -5.52 7.78 -5.97
CA HIS A 6 -5.72 6.31 -5.76
C HIS A 6 -4.37 5.60 -5.75
N TYR A 7 -3.49 5.97 -6.64
CA TYR A 7 -2.14 5.31 -6.69
C TYR A 7 -1.41 5.55 -5.36
N VAL A 8 -1.52 6.74 -4.82
CA VAL A 8 -0.86 7.03 -3.52
C VAL A 8 -1.43 6.12 -2.41
N LEU A 9 -2.69 5.77 -2.51
CA LEU A 9 -3.30 4.87 -1.50
C LEU A 9 -2.82 3.42 -1.72
N LYS A 10 -2.70 3.01 -2.96
CA LYS A 10 -2.22 1.62 -3.24
C LYS A 10 -0.75 1.48 -2.81
N PHE A 11 0.06 2.48 -3.05
CA PHE A 11 1.50 2.42 -2.64
C PHE A 11 1.61 2.24 -1.12
N PHE A 12 0.87 3.02 -0.37
CA PHE A 12 0.91 2.88 1.12
C PHE A 12 0.44 1.48 1.53
N LEU A 13 -0.59 0.98 0.88
CA LEU A 13 -1.10 -0.39 1.20
C LEU A 13 -0.09 -1.44 0.73
N LEU A 14 0.60 -1.19 -0.35
CA LEU A 14 1.62 -2.16 -0.87
C LEU A 14 2.79 -2.26 0.10
N VAL A 15 3.24 -1.14 0.63
CA VAL A 15 4.39 -1.17 1.59
C VAL A 15 3.99 -1.94 2.86
N PHE A 16 2.85 -1.65 3.42
CA PHE A 16 2.40 -2.37 4.65
C PHE A 16 2.10 -3.85 4.31
N GLY A 17 1.55 -4.10 3.15
CA GLY A 17 1.24 -5.51 2.75
C GLY A 17 2.53 -6.30 2.65
N GLU A 18 3.56 -5.75 2.05
CA GLU A 18 4.86 -6.47 1.94
C GLU A 18 5.38 -6.82 3.33
N ASN A 19 5.22 -5.93 4.27
CA ASN A 19 5.69 -6.21 5.67
C ASN A 19 4.92 -7.39 6.26
N GLY A 20 3.65 -7.49 5.92
CA GLY A 20 2.83 -8.62 6.44
C GLY A 20 3.10 -9.89 5.62
N VAL A 21 3.31 -9.76 4.33
CA VAL A 21 3.60 -10.96 3.48
C VAL A 21 4.85 -11.70 3.97
N PHE A 22 5.74 -11.03 4.65
CA PHE A 22 6.97 -11.70 5.15
C PHE A 22 6.88 -11.95 6.67
N PHE A 23 5.68 -12.11 7.18
CA PHE A 23 5.51 -12.37 8.66
C PHE A 23 4.12 -12.94 8.96
N TYR A 24 3.56 -13.74 8.08
CA TYR A 24 2.22 -14.32 8.34
C TYR A 24 2.17 -15.84 8.05
N LYS A 25 3.21 -16.39 7.47
CA LYS A 25 3.22 -17.86 7.17
C LYS A 25 4.62 -18.43 7.32
N HIS A 1 -13.24 16.64 -7.15
CA HIS A 1 -13.09 15.17 -7.38
C HIS A 1 -11.62 14.80 -7.50
N ALA A 2 -11.23 13.66 -6.98
CA ALA A 2 -9.79 13.24 -7.08
C ALA A 2 -9.68 11.93 -7.88
N TRP A 3 -8.80 11.90 -8.85
CA TRP A 3 -8.62 10.66 -9.68
C TRP A 3 -7.28 9.99 -9.36
N TYR A 4 -6.21 10.75 -9.33
CA TYR A 4 -4.87 10.17 -9.02
C TYR A 4 -4.67 9.99 -7.50
N SER A 5 -5.64 10.38 -6.71
CA SER A 5 -5.52 10.24 -5.23
C SER A 5 -5.53 8.77 -4.79
N HIS A 6 -5.89 7.87 -5.67
CA HIS A 6 -5.90 6.42 -5.29
C HIS A 6 -4.52 5.79 -5.49
N TYR A 7 -3.74 6.30 -6.40
CA TYR A 7 -2.37 5.73 -6.63
C TYR A 7 -1.56 5.79 -5.35
N VAL A 8 -1.53 6.92 -4.70
CA VAL A 8 -0.77 7.04 -3.42
C VAL A 8 -1.33 6.05 -2.37
N LEU A 9 -2.61 5.79 -2.44
CA LEU A 9 -3.25 4.82 -1.48
C LEU A 9 -2.76 3.40 -1.79
N LYS A 10 -2.66 3.04 -3.05
CA LYS A 10 -2.18 1.66 -3.40
C LYS A 10 -0.71 1.51 -2.99
N PHE A 11 0.08 2.55 -3.18
CA PHE A 11 1.52 2.48 -2.79
C PHE A 11 1.65 2.20 -1.28
N PHE A 12 0.85 2.85 -0.48
CA PHE A 12 0.92 2.62 1.00
C PHE A 12 0.53 1.17 1.32
N LEU A 13 -0.52 0.68 0.70
CA LEU A 13 -0.94 -0.74 0.95
C LEU A 13 0.13 -1.72 0.44
N LEU A 14 0.79 -1.37 -0.65
CA LEU A 14 1.86 -2.25 -1.20
C LEU A 14 3.02 -2.36 -0.20
N VAL A 15 3.39 -1.26 0.41
CA VAL A 15 4.50 -1.28 1.41
C VAL A 15 4.04 -2.00 2.69
N PHE A 16 2.88 -1.66 3.19
CA PHE A 16 2.38 -2.32 4.43
C PHE A 16 2.08 -3.80 4.15
N GLY A 17 1.62 -4.11 2.96
CA GLY A 17 1.32 -5.54 2.61
C GLY A 17 2.61 -6.37 2.70
N GLU A 18 3.70 -5.86 2.18
CA GLU A 18 4.99 -6.62 2.27
C GLU A 18 5.38 -6.85 3.73
N ASN A 19 5.14 -5.87 4.56
CA ASN A 19 5.46 -6.03 6.02
C ASN A 19 4.63 -7.17 6.61
N GLY A 20 3.41 -7.32 6.16
CA GLY A 20 2.54 -8.42 6.67
C GLY A 20 2.99 -9.74 6.02
N VAL A 21 3.27 -9.73 4.74
CA VAL A 21 3.71 -10.99 4.06
C VAL A 21 5.00 -11.50 4.70
N PHE A 22 5.85 -10.62 5.14
CA PHE A 22 7.14 -11.04 5.79
C PHE A 22 6.86 -11.86 7.06
N PHE A 23 5.79 -11.55 7.75
CA PHE A 23 5.46 -12.32 8.99
C PHE A 23 4.43 -13.42 8.70
N TYR A 24 4.35 -13.87 7.47
CA TYR A 24 3.38 -14.94 7.11
C TYR A 24 4.09 -16.09 6.38
N LYS A 25 5.30 -16.41 6.79
CA LYS A 25 6.06 -17.52 6.12
C LYS A 25 6.78 -18.37 7.17
N HIS A 1 -13.05 11.50 -9.06
CA HIS A 1 -12.35 12.54 -8.26
C HIS A 1 -11.20 11.93 -7.47
N ALA A 2 -10.33 12.76 -6.93
CA ALA A 2 -9.16 12.25 -6.13
C ALA A 2 -8.24 11.37 -7.00
N TRP A 3 -7.16 11.92 -7.48
CA TRP A 3 -6.22 11.13 -8.33
C TRP A 3 -5.04 10.64 -7.49
N TYR A 4 -4.28 11.55 -6.92
CA TYR A 4 -3.11 11.14 -6.08
C TYR A 4 -3.57 10.33 -4.85
N SER A 5 -4.80 10.50 -4.43
CA SER A 5 -5.32 9.75 -3.25
C SER A 5 -5.32 8.24 -3.52
N HIS A 6 -5.51 7.84 -4.75
CA HIS A 6 -5.51 6.38 -5.08
C HIS A 6 -4.08 5.87 -5.23
N TYR A 7 -3.19 6.70 -5.71
CA TYR A 7 -1.77 6.27 -5.87
C TYR A 7 -1.15 5.98 -4.50
N VAL A 8 -1.38 6.85 -3.55
CA VAL A 8 -0.82 6.62 -2.17
C VAL A 8 -1.50 5.39 -1.55
N LEU A 9 -2.71 5.10 -1.96
CA LEU A 9 -3.42 3.90 -1.41
C LEU A 9 -2.79 2.64 -2.01
N LYS A 10 -2.45 2.67 -3.27
CA LYS A 10 -1.80 1.48 -3.91
C LYS A 10 -0.40 1.28 -3.32
N PHE A 11 0.36 2.34 -3.23
CA PHE A 11 1.74 2.23 -2.65
C PHE A 11 1.66 1.74 -1.20
N PHE A 12 0.75 2.28 -0.42
CA PHE A 12 0.60 1.84 0.99
C PHE A 12 0.16 0.37 1.01
N LEU A 13 -0.79 0.01 0.18
CA LEU A 13 -1.26 -1.41 0.14
C LEU A 13 -0.11 -2.33 -0.27
N LEU A 14 0.81 -1.85 -1.07
CA LEU A 14 1.96 -2.70 -1.50
C LEU A 14 3.07 -2.66 -0.45
N VAL A 15 3.54 -1.48 -0.11
CA VAL A 15 4.63 -1.37 0.92
C VAL A 15 4.13 -1.87 2.28
N PHE A 16 3.05 -1.32 2.77
CA PHE A 16 2.51 -1.79 4.09
C PHE A 16 2.00 -3.23 3.95
N GLY A 17 1.46 -3.59 2.82
CA GLY A 17 0.96 -4.99 2.62
C GLY A 17 2.12 -5.97 2.75
N GLU A 18 3.16 -5.79 1.99
CA GLU A 18 4.33 -6.71 2.08
C GLU A 18 4.96 -6.62 3.47
N ASN A 19 4.99 -5.44 4.04
CA ASN A 19 5.57 -5.29 5.42
C ASN A 19 4.73 -6.09 6.41
N GLY A 20 3.43 -6.08 6.24
CA GLY A 20 2.54 -6.85 7.16
C GLY A 20 2.62 -8.33 6.80
N VAL A 21 2.64 -8.66 5.53
CA VAL A 21 2.73 -10.10 5.12
C VAL A 21 3.98 -10.73 5.75
N PHE A 22 5.15 -10.27 5.36
CA PHE A 22 6.44 -10.82 5.91
C PHE A 22 6.65 -12.27 5.45
N PHE A 23 5.69 -13.11 5.71
CA PHE A 23 5.80 -14.54 5.29
C PHE A 23 4.46 -15.02 4.73
N TYR A 24 3.44 -15.03 5.56
CA TYR A 24 2.07 -15.49 5.11
C TYR A 24 2.17 -16.79 4.31
N LYS A 25 2.83 -17.78 4.86
CA LYS A 25 2.96 -19.09 4.16
C LYS A 25 2.82 -20.25 5.15
N HIS A 1 -9.01 18.47 -6.39
CA HIS A 1 -9.78 17.20 -6.19
C HIS A 1 -9.47 16.21 -7.32
N ALA A 2 -8.22 15.89 -7.54
CA ALA A 2 -7.85 14.92 -8.61
C ALA A 2 -7.97 13.48 -8.11
N TRP A 3 -7.81 12.52 -8.98
CA TRP A 3 -7.92 11.08 -8.55
C TRP A 3 -6.55 10.56 -8.09
N TYR A 4 -6.05 11.05 -6.99
CA TYR A 4 -4.73 10.59 -6.47
C TYR A 4 -4.89 9.86 -5.13
N SER A 5 -6.06 9.88 -4.56
CA SER A 5 -6.29 9.17 -3.24
C SER A 5 -6.09 7.66 -3.40
N HIS A 6 -6.38 7.13 -4.56
CA HIS A 6 -6.20 5.66 -4.78
C HIS A 6 -4.75 5.35 -5.12
N TYR A 7 -4.05 6.28 -5.71
CA TYR A 7 -2.62 6.05 -6.06
C TYR A 7 -1.78 5.95 -4.79
N VAL A 8 -1.97 6.88 -3.89
CA VAL A 8 -1.20 6.83 -2.60
C VAL A 8 -1.58 5.56 -1.81
N LEU A 9 -2.78 5.06 -2.02
CA LEU A 9 -3.21 3.82 -1.30
C LEU A 9 -2.48 2.61 -1.89
N LYS A 10 -2.28 2.59 -3.19
CA LYS A 10 -1.56 1.44 -3.82
C LYS A 10 -0.10 1.42 -3.36
N PHE A 11 0.53 2.57 -3.30
CA PHE A 11 1.96 2.63 -2.85
C PHE A 11 2.06 2.18 -1.38
N PHE A 12 1.09 2.54 -0.57
CA PHE A 12 1.12 2.13 0.88
C PHE A 12 0.91 0.62 1.00
N LEU A 13 0.03 0.06 0.20
CA LEU A 13 -0.20 -1.42 0.26
C LEU A 13 1.03 -2.19 -0.23
N LEU A 14 1.78 -1.61 -1.15
CA LEU A 14 3.00 -2.30 -1.67
C LEU A 14 4.13 -2.29 -0.62
N VAL A 15 4.12 -1.33 0.27
CA VAL A 15 5.19 -1.28 1.32
C VAL A 15 4.62 -1.77 2.65
N PHE A 16 3.58 -1.15 3.14
CA PHE A 16 2.98 -1.57 4.44
C PHE A 16 2.16 -2.86 4.26
N GLY A 17 1.54 -3.05 3.12
CA GLY A 17 0.74 -4.29 2.89
C GLY A 17 1.67 -5.49 2.82
N GLU A 18 2.70 -5.43 2.02
CA GLU A 18 3.66 -6.57 1.91
C GLU A 18 4.31 -6.84 3.27
N ASN A 19 4.41 -5.84 4.11
CA ASN A 19 5.03 -6.05 5.46
C ASN A 19 4.07 -6.85 6.37
N GLY A 20 2.80 -6.80 6.09
CA GLY A 20 1.81 -7.54 6.94
C GLY A 20 1.33 -8.80 6.21
N VAL A 21 1.34 -8.80 4.90
CA VAL A 21 0.86 -10.01 4.15
C VAL A 21 2.05 -10.85 3.67
N PHE A 22 3.11 -10.22 3.25
CA PHE A 22 4.29 -11.00 2.76
C PHE A 22 5.41 -11.04 3.81
N PHE A 23 5.29 -10.29 4.89
CA PHE A 23 6.36 -10.30 5.93
C PHE A 23 5.73 -10.40 7.34
N TYR A 24 4.72 -11.21 7.49
CA TYR A 24 4.06 -11.37 8.83
C TYR A 24 3.57 -12.80 9.03
N LYS A 25 4.26 -13.77 8.45
CA LYS A 25 3.85 -15.20 8.59
C LYS A 25 2.38 -15.40 8.16
N HIS A 1 -14.87 11.90 -2.52
CA HIS A 1 -13.57 11.68 -1.81
C HIS A 1 -12.38 11.97 -2.74
N ALA A 2 -12.52 12.89 -3.67
CA ALA A 2 -11.42 13.23 -4.63
C ALA A 2 -11.14 12.05 -5.58
N TRP A 3 -10.68 12.34 -6.77
CA TRP A 3 -10.40 11.23 -7.75
C TRP A 3 -8.89 10.99 -7.88
N TYR A 4 -8.10 11.48 -6.95
CA TYR A 4 -6.62 11.27 -7.03
C TYR A 4 -6.09 10.73 -5.69
N SER A 5 -6.93 10.09 -4.92
CA SER A 5 -6.48 9.54 -3.60
C SER A 5 -6.40 8.00 -3.67
N HIS A 6 -6.21 7.44 -4.83
CA HIS A 6 -6.12 5.94 -4.93
C HIS A 6 -4.69 5.49 -5.20
N TYR A 7 -3.98 6.19 -6.06
CA TYR A 7 -2.57 5.81 -6.36
C TYR A 7 -1.72 5.91 -5.08
N VAL A 8 -1.92 6.95 -4.31
CA VAL A 8 -1.15 7.10 -3.04
C VAL A 8 -1.49 5.94 -2.10
N LEU A 9 -2.71 5.45 -2.15
CA LEU A 9 -3.11 4.30 -1.30
C LEU A 9 -2.44 3.02 -1.79
N LYS A 10 -2.29 2.88 -3.09
CA LYS A 10 -1.63 1.66 -3.65
C LYS A 10 -0.17 1.58 -3.16
N PHE A 11 0.52 2.70 -3.16
CA PHE A 11 1.94 2.70 -2.68
C PHE A 11 1.98 2.31 -1.19
N PHE A 12 1.07 2.83 -0.40
CA PHE A 12 1.03 2.48 1.05
C PHE A 12 0.67 1.01 1.22
N LEU A 13 -0.33 0.54 0.48
CA LEU A 13 -0.73 -0.90 0.58
C LEU A 13 0.39 -1.80 0.05
N LEU A 14 1.16 -1.34 -0.90
CA LEU A 14 2.27 -2.18 -1.45
C LEU A 14 3.36 -2.36 -0.40
N VAL A 15 3.74 -1.29 0.27
CA VAL A 15 4.79 -1.39 1.33
C VAL A 15 4.23 -2.13 2.55
N PHE A 16 3.05 -1.76 2.99
CA PHE A 16 2.45 -2.43 4.18
C PHE A 16 1.95 -3.84 3.81
N GLY A 17 1.69 -4.09 2.55
CA GLY A 17 1.21 -5.44 2.13
C GLY A 17 2.29 -6.48 2.45
N GLU A 18 3.50 -6.26 2.01
CA GLU A 18 4.59 -7.23 2.29
C GLU A 18 5.00 -7.15 3.77
N ASN A 19 5.05 -5.96 4.32
CA ASN A 19 5.43 -5.82 5.76
C ASN A 19 4.29 -6.30 6.67
N GLY A 20 3.12 -6.53 6.13
CA GLY A 20 1.97 -6.99 6.95
C GLY A 20 1.67 -8.47 6.65
N VAL A 21 1.85 -8.90 5.42
CA VAL A 21 1.56 -10.33 5.08
C VAL A 21 2.87 -11.12 4.95
N PHE A 22 3.76 -10.66 4.10
CA PHE A 22 5.06 -11.37 3.91
C PHE A 22 5.91 -11.27 5.19
N PHE A 23 5.77 -10.19 5.92
CA PHE A 23 6.56 -10.02 7.18
C PHE A 23 5.71 -10.41 8.39
N TYR A 24 4.86 -11.41 8.24
CA TYR A 24 4.00 -11.85 9.39
C TYR A 24 3.51 -13.28 9.16
N LYS A 25 4.34 -14.13 8.60
CA LYS A 25 3.93 -15.55 8.35
C LYS A 25 5.02 -16.51 8.83
N HIS A 1 -7.11 20.28 -8.38
CA HIS A 1 -6.64 19.24 -9.34
C HIS A 1 -5.69 18.27 -8.64
N ALA A 2 -6.23 17.28 -7.95
CA ALA A 2 -5.36 16.29 -7.24
C ALA A 2 -6.14 14.99 -7.02
N TRP A 3 -5.93 14.01 -7.86
CA TRP A 3 -6.66 12.71 -7.70
C TRP A 3 -5.67 11.58 -7.40
N TYR A 4 -4.93 11.70 -6.31
CA TYR A 4 -3.95 10.63 -5.95
C TYR A 4 -4.40 9.86 -4.69
N SER A 5 -5.61 10.08 -4.23
CA SER A 5 -6.10 9.35 -3.01
C SER A 5 -5.99 7.84 -3.21
N HIS A 6 -6.21 7.38 -4.42
CA HIS A 6 -6.11 5.91 -4.69
C HIS A 6 -4.66 5.53 -5.01
N TYR A 7 -3.94 6.42 -5.65
CA TYR A 7 -2.51 6.13 -5.99
C TYR A 7 -1.69 5.97 -4.71
N VAL A 8 -1.89 6.83 -3.75
CA VAL A 8 -1.14 6.72 -2.46
C VAL A 8 -1.54 5.43 -1.74
N LEU A 9 -2.76 4.97 -1.95
CA LEU A 9 -3.21 3.71 -1.31
C LEU A 9 -2.53 2.51 -2.00
N LYS A 10 -2.34 2.59 -3.29
CA LYS A 10 -1.66 1.46 -4.02
C LYS A 10 -0.19 1.38 -3.61
N PHE A 11 0.47 2.51 -3.49
CA PHE A 11 1.91 2.49 -3.08
C PHE A 11 2.03 2.07 -1.61
N PHE A 12 1.18 2.60 -0.75
CA PHE A 12 1.23 2.22 0.69
C PHE A 12 0.91 0.73 0.85
N LEU A 13 -0.05 0.24 0.11
CA LEU A 13 -0.41 -1.21 0.20
C LEU A 13 0.76 -2.08 -0.27
N LEU A 14 1.55 -1.58 -1.20
CA LEU A 14 2.72 -2.36 -1.70
C LEU A 14 3.86 -2.36 -0.68
N VAL A 15 3.86 -1.41 0.23
CA VAL A 15 4.94 -1.35 1.26
C VAL A 15 4.39 -1.84 2.61
N PHE A 16 3.40 -1.17 3.14
CA PHE A 16 2.80 -1.60 4.44
C PHE A 16 2.10 -2.96 4.28
N GLY A 17 1.47 -3.19 3.15
CA GLY A 17 0.77 -4.49 2.92
C GLY A 17 1.82 -5.60 2.87
N GLU A 18 2.90 -5.38 2.18
CA GLU A 18 3.97 -6.43 2.10
C GLU A 18 4.51 -6.73 3.50
N ASN A 19 4.61 -5.73 4.34
CA ASN A 19 5.11 -5.95 5.73
C ASN A 19 4.16 -6.89 6.48
N GLY A 20 2.88 -6.77 6.22
CA GLY A 20 1.89 -7.66 6.90
C GLY A 20 1.83 -9.02 6.19
N VAL A 21 1.84 -9.02 4.87
CA VAL A 21 1.78 -10.31 4.12
C VAL A 21 3.07 -11.13 4.35
N PHE A 22 4.17 -10.47 4.61
CA PHE A 22 5.46 -11.20 4.84
C PHE A 22 5.31 -12.21 5.99
N PHE A 23 4.53 -11.90 6.98
CA PHE A 23 4.34 -12.85 8.13
C PHE A 23 2.88 -13.31 8.20
N TYR A 24 1.99 -12.47 8.67
CA TYR A 24 0.54 -12.84 8.77
C TYR A 24 0.37 -14.18 9.51
N LYS A 25 0.99 -14.30 10.66
CA LYS A 25 0.90 -15.56 11.49
C LYS A 25 1.66 -16.71 10.80
N HIS A 1 -3.96 18.24 -13.33
CA HIS A 1 -3.09 17.24 -14.02
C HIS A 1 -2.39 16.34 -12.99
N ALA A 2 -2.01 15.14 -13.40
CA ALA A 2 -1.32 14.18 -12.48
C ALA A 2 -2.26 13.71 -11.35
N TRP A 3 -2.50 12.43 -11.26
CA TRP A 3 -3.41 11.90 -10.21
C TRP A 3 -2.60 11.21 -9.11
N TYR A 4 -2.59 11.77 -7.92
CA TYR A 4 -1.81 11.14 -6.81
C TYR A 4 -2.68 11.02 -5.54
N SER A 5 -3.98 10.93 -5.70
CA SER A 5 -4.89 10.80 -4.52
C SER A 5 -5.18 9.32 -4.26
N HIS A 6 -5.24 8.53 -5.29
CA HIS A 6 -5.52 7.07 -5.12
C HIS A 6 -4.21 6.28 -5.20
N TYR A 7 -3.23 6.79 -5.90
CA TYR A 7 -1.92 6.08 -6.01
C TYR A 7 -1.29 5.92 -4.62
N VAL A 8 -1.47 6.90 -3.77
CA VAL A 8 -0.92 6.80 -2.38
C VAL A 8 -1.56 5.61 -1.65
N LEU A 9 -2.81 5.34 -1.94
CA LEU A 9 -3.51 4.19 -1.28
C LEU A 9 -2.96 2.87 -1.85
N LYS A 10 -2.77 2.80 -3.15
CA LYS A 10 -2.22 1.56 -3.77
C LYS A 10 -0.76 1.36 -3.34
N PHE A 11 0.00 2.42 -3.24
CA PHE A 11 1.42 2.30 -2.82
C PHE A 11 1.50 1.76 -1.38
N PHE A 12 0.63 2.21 -0.51
CA PHE A 12 0.64 1.71 0.90
C PHE A 12 0.27 0.23 0.92
N LEU A 13 -0.74 -0.16 0.18
CA LEU A 13 -1.14 -1.60 0.14
C LEU A 13 0.02 -2.46 -0.36
N LEU A 14 0.86 -1.91 -1.21
CA LEU A 14 2.02 -2.68 -1.74
C LEU A 14 3.18 -2.66 -0.74
N VAL A 15 3.53 -1.49 -0.25
CA VAL A 15 4.66 -1.38 0.73
C VAL A 15 4.23 -1.89 2.11
N PHE A 16 3.15 -1.36 2.64
CA PHE A 16 2.67 -1.83 3.98
C PHE A 16 2.21 -3.29 3.91
N GLY A 17 1.70 -3.71 2.77
CA GLY A 17 1.25 -5.13 2.63
C GLY A 17 2.44 -6.07 2.86
N GLU A 18 3.58 -5.76 2.28
CA GLU A 18 4.77 -6.62 2.49
C GLU A 18 5.26 -6.52 3.93
N ASN A 19 4.96 -5.44 4.61
CA ASN A 19 5.39 -5.29 6.03
C ASN A 19 4.57 -6.20 6.94
N GLY A 20 3.45 -6.68 6.46
CA GLY A 20 2.57 -7.57 7.29
C GLY A 20 2.53 -8.98 6.69
N VAL A 21 2.54 -9.10 5.38
CA VAL A 21 2.48 -10.46 4.76
C VAL A 21 3.89 -11.00 4.50
N PHE A 22 4.78 -10.16 4.05
CA PHE A 22 6.18 -10.62 3.76
C PHE A 22 7.11 -10.32 4.95
N PHE A 23 6.65 -9.55 5.91
CA PHE A 23 7.52 -9.22 7.08
C PHE A 23 6.78 -9.52 8.40
N TYR A 24 5.79 -10.37 8.37
CA TYR A 24 5.04 -10.70 9.62
C TYR A 24 4.31 -12.05 9.48
N LYS A 25 4.90 -12.98 8.77
CA LYS A 25 4.25 -14.32 8.61
C LYS A 25 5.31 -15.44 8.70
N HIS A 1 -12.47 13.81 -10.49
CA HIS A 1 -11.74 12.84 -9.62
C HIS A 1 -10.28 13.24 -9.47
N ALA A 2 -9.68 12.92 -8.35
CA ALA A 2 -8.25 13.29 -8.12
C ALA A 2 -7.33 12.20 -8.71
N TRP A 3 -6.34 12.60 -9.47
CA TRP A 3 -5.40 11.59 -10.07
C TRP A 3 -4.21 11.30 -9.14
N TYR A 4 -4.23 11.79 -7.94
CA TYR A 4 -3.10 11.53 -6.99
C TYR A 4 -3.60 10.94 -5.67
N SER A 5 -4.80 10.41 -5.64
CA SER A 5 -5.34 9.82 -4.38
C SER A 5 -5.34 8.28 -4.44
N HIS A 6 -5.30 7.72 -5.63
CA HIS A 6 -5.30 6.23 -5.75
C HIS A 6 -3.87 5.69 -5.70
N TYR A 7 -2.93 6.42 -6.25
CA TYR A 7 -1.51 5.95 -6.23
C TYR A 7 -0.97 5.98 -4.80
N VAL A 8 -1.29 7.01 -4.06
CA VAL A 8 -0.82 7.08 -2.65
C VAL A 8 -1.49 5.98 -1.81
N LEU A 9 -2.70 5.60 -2.17
CA LEU A 9 -3.40 4.51 -1.42
C LEU A 9 -2.89 3.15 -1.90
N LYS A 10 -2.66 3.01 -3.19
CA LYS A 10 -2.16 1.71 -3.73
C LYS A 10 -0.72 1.47 -3.23
N PHE A 11 0.11 2.47 -3.30
CA PHE A 11 1.53 2.31 -2.83
C PHE A 11 1.55 2.08 -1.31
N PHE A 12 0.81 2.86 -0.56
CA PHE A 12 0.79 2.67 0.93
C PHE A 12 0.26 1.28 1.29
N LEU A 13 -0.81 0.86 0.67
CA LEU A 13 -1.38 -0.49 0.97
C LEU A 13 -0.42 -1.59 0.49
N LEU A 14 0.22 -1.40 -0.64
CA LEU A 14 1.15 -2.44 -1.17
C LEU A 14 2.34 -2.60 -0.21
N VAL A 15 2.84 -1.51 0.34
CA VAL A 15 3.99 -1.60 1.28
C VAL A 15 3.55 -2.34 2.56
N PHE A 16 2.37 -2.02 3.06
CA PHE A 16 1.87 -2.69 4.29
C PHE A 16 1.75 -4.21 4.09
N GLY A 17 1.29 -4.63 2.93
CA GLY A 17 1.16 -6.10 2.67
C GLY A 17 2.54 -6.75 2.71
N GLU A 18 3.50 -6.19 2.02
CA GLU A 18 4.88 -6.77 2.03
C GLU A 18 5.49 -6.61 3.42
N ASN A 19 5.35 -5.46 4.02
CA ASN A 19 5.92 -5.25 5.39
C ASN A 19 5.29 -6.26 6.36
N GLY A 20 4.03 -6.57 6.17
CA GLY A 20 3.35 -7.56 7.06
C GLY A 20 3.83 -8.97 6.72
N VAL A 21 3.84 -9.33 5.45
CA VAL A 21 4.30 -10.70 5.07
C VAL A 21 5.81 -10.87 5.38
N PHE A 22 6.57 -9.80 5.33
CA PHE A 22 8.03 -9.88 5.63
C PHE A 22 8.27 -10.40 7.06
N PHE A 23 7.38 -10.08 7.97
CA PHE A 23 7.56 -10.55 9.38
C PHE A 23 6.50 -11.61 9.73
N TYR A 24 5.27 -11.19 9.93
CA TYR A 24 4.16 -12.15 10.26
C TYR A 24 4.55 -13.06 11.44
N LYS A 25 5.22 -12.51 12.43
CA LYS A 25 5.64 -13.31 13.63
C LYS A 25 6.42 -14.57 13.20
N HIS A 1 -2.71 19.38 -5.22
CA HIS A 1 -2.10 19.80 -6.52
C HIS A 1 -2.48 18.81 -7.63
N ALA A 2 -2.07 17.58 -7.52
CA ALA A 2 -2.40 16.57 -8.58
C ALA A 2 -3.38 15.52 -8.01
N TRP A 3 -3.92 14.69 -8.87
CA TRP A 3 -4.89 13.65 -8.40
C TRP A 3 -4.15 12.34 -8.09
N TYR A 4 -3.35 12.33 -7.06
CA TYR A 4 -2.59 11.09 -6.69
C TYR A 4 -3.15 10.48 -5.39
N SER A 5 -4.28 10.93 -4.91
CA SER A 5 -4.87 10.36 -3.66
C SER A 5 -5.07 8.85 -3.79
N HIS A 6 -5.40 8.39 -4.96
CA HIS A 6 -5.60 6.92 -5.16
C HIS A 6 -4.24 6.26 -5.43
N TYR A 7 -3.36 6.94 -6.11
CA TYR A 7 -2.01 6.35 -6.38
C TYR A 7 -1.25 6.15 -5.07
N VAL A 8 -1.26 7.13 -4.22
CA VAL A 8 -0.56 6.99 -2.90
C VAL A 8 -1.24 5.89 -2.08
N LEU A 9 -2.52 5.68 -2.28
CA LEU A 9 -3.24 4.61 -1.54
C LEU A 9 -2.78 3.23 -2.04
N LYS A 10 -2.54 3.11 -3.32
CA LYS A 10 -2.09 1.79 -3.88
C LYS A 10 -0.68 1.46 -3.37
N PHE A 11 0.19 2.43 -3.33
CA PHE A 11 1.58 2.18 -2.83
C PHE A 11 1.55 1.81 -1.34
N PHE A 12 0.70 2.46 -0.58
CA PHE A 12 0.61 2.14 0.89
C PHE A 12 0.13 0.69 1.07
N LEU A 13 -0.88 0.29 0.33
CA LEU A 13 -1.39 -1.12 0.46
C LEU A 13 -0.29 -2.11 0.08
N LEU A 14 0.48 -1.82 -0.95
CA LEU A 14 1.59 -2.73 -1.36
C LEU A 14 2.65 -2.79 -0.25
N VAL A 15 2.97 -1.67 0.33
CA VAL A 15 4.00 -1.64 1.41
C VAL A 15 3.43 -2.30 2.68
N PHE A 16 2.20 -1.99 3.03
CA PHE A 16 1.59 -2.61 4.25
C PHE A 16 1.54 -4.13 4.12
N GLY A 17 1.36 -4.64 2.93
CA GLY A 17 1.31 -6.13 2.75
C GLY A 17 2.71 -6.71 2.88
N GLU A 18 3.67 -6.18 2.17
CA GLU A 18 5.07 -6.71 2.27
C GLU A 18 5.60 -6.51 3.70
N ASN A 19 5.43 -5.34 4.25
CA ASN A 19 5.90 -5.09 5.65
C ASN A 19 5.21 -6.05 6.62
N GLY A 20 4.01 -6.44 6.32
CA GLY A 20 3.26 -7.38 7.21
C GLY A 20 3.73 -8.81 6.94
N VAL A 21 4.03 -9.15 5.70
CA VAL A 21 4.48 -10.54 5.40
C VAL A 21 5.60 -10.99 6.36
N PHE A 22 6.55 -10.14 6.64
CA PHE A 22 7.66 -10.53 7.57
C PHE A 22 7.49 -9.86 8.95
N PHE A 23 6.39 -9.19 9.18
CA PHE A 23 6.17 -8.52 10.51
C PHE A 23 4.68 -8.23 10.72
N TYR A 24 3.91 -9.25 11.01
CA TYR A 24 2.45 -9.07 11.23
C TYR A 24 1.92 -10.17 12.16
N LYS A 25 2.26 -10.08 13.42
CA LYS A 25 1.81 -11.10 14.41
C LYS A 25 0.95 -10.45 15.50
N HIS A 1 -9.68 17.53 -2.83
CA HIS A 1 -8.52 16.63 -3.07
C HIS A 1 -8.31 16.43 -4.58
N ALA A 2 -7.14 15.98 -4.97
CA ALA A 2 -6.87 15.77 -6.43
C ALA A 2 -7.12 14.31 -6.82
N TRP A 3 -6.83 13.94 -8.04
CA TRP A 3 -7.03 12.53 -8.49
C TRP A 3 -5.85 11.66 -8.05
N TYR A 4 -5.62 11.57 -6.75
CA TYR A 4 -4.48 10.74 -6.25
C TYR A 4 -4.82 10.13 -4.87
N SER A 5 -6.08 10.01 -4.55
CA SER A 5 -6.45 9.41 -3.22
C SER A 5 -6.21 7.90 -3.24
N HIS A 6 -6.45 7.27 -4.37
CA HIS A 6 -6.21 5.79 -4.47
C HIS A 6 -4.75 5.53 -4.85
N TYR A 7 -4.11 6.48 -5.49
CA TYR A 7 -2.67 6.28 -5.88
C TYR A 7 -1.83 6.07 -4.63
N VAL A 8 -2.01 6.90 -3.63
CA VAL A 8 -1.24 6.74 -2.36
C VAL A 8 -1.56 5.39 -1.71
N LEU A 9 -2.74 4.87 -1.93
CA LEU A 9 -3.13 3.55 -1.36
C LEU A 9 -2.38 2.43 -2.08
N LYS A 10 -2.20 2.56 -3.38
CA LYS A 10 -1.48 1.50 -4.14
C LYS A 10 -0.01 1.43 -3.68
N PHE A 11 0.63 2.56 -3.52
CA PHE A 11 2.05 2.56 -3.05
C PHE A 11 2.12 2.10 -1.59
N PHE A 12 1.21 2.57 -0.76
CA PHE A 12 1.21 2.16 0.68
C PHE A 12 0.93 0.65 0.80
N LEU A 13 -0.03 0.16 0.06
CA LEU A 13 -0.36 -1.31 0.12
C LEU A 13 0.84 -2.13 -0.37
N LEU A 14 1.64 -1.60 -1.26
CA LEU A 14 2.82 -2.36 -1.77
C LEU A 14 3.92 -2.44 -0.70
N VAL A 15 4.03 -1.43 0.13
CA VAL A 15 5.08 -1.44 1.19
C VAL A 15 4.47 -1.91 2.53
N PHE A 16 3.53 -1.16 3.05
CA PHE A 16 2.88 -1.55 4.35
C PHE A 16 2.12 -2.88 4.18
N GLY A 17 1.56 -3.12 3.01
CA GLY A 17 0.81 -4.39 2.79
C GLY A 17 1.78 -5.58 2.84
N GLU A 18 2.89 -5.49 2.15
CA GLU A 18 3.88 -6.61 2.17
C GLU A 18 4.37 -6.85 3.61
N ASN A 19 4.57 -5.81 4.36
CA ASN A 19 5.05 -5.97 5.77
C ASN A 19 4.01 -6.77 6.57
N GLY A 20 2.75 -6.60 6.26
CA GLY A 20 1.68 -7.36 6.98
C GLY A 20 1.53 -8.75 6.34
N VAL A 21 1.52 -8.81 5.04
CA VAL A 21 1.37 -10.14 4.36
C VAL A 21 2.54 -11.07 4.70
N PHE A 22 3.70 -10.51 4.95
CA PHE A 22 4.89 -11.36 5.28
C PHE A 22 5.11 -11.42 6.81
N PHE A 23 4.47 -10.57 7.57
CA PHE A 23 4.67 -10.59 9.06
C PHE A 23 3.41 -10.06 9.78
N TYR A 24 2.35 -10.82 9.77
CA TYR A 24 1.09 -10.38 10.46
C TYR A 24 0.10 -11.55 10.56
N LYS A 25 0.57 -12.70 10.96
CA LYS A 25 -0.34 -13.89 11.10
C LYS A 25 -0.24 -14.49 12.51
N HIS A 1 -9.62 17.03 -4.92
CA HIS A 1 -9.57 17.99 -6.08
C HIS A 1 -8.47 17.59 -7.07
N ALA A 2 -7.41 16.97 -6.62
CA ALA A 2 -6.31 16.56 -7.56
C ALA A 2 -6.01 15.06 -7.40
N TRP A 3 -4.96 14.58 -8.02
CA TRP A 3 -4.60 13.14 -7.92
C TRP A 3 -3.87 12.87 -6.60
N TYR A 4 -2.93 11.94 -6.58
CA TYR A 4 -2.17 11.62 -5.31
C TYR A 4 -3.11 11.07 -4.23
N SER A 5 -4.30 10.65 -4.59
CA SER A 5 -5.25 10.09 -3.58
C SER A 5 -5.35 8.57 -3.76
N HIS A 6 -5.57 8.12 -4.96
CA HIS A 6 -5.67 6.65 -5.22
C HIS A 6 -4.26 6.05 -5.39
N TYR A 7 -3.37 6.80 -5.99
CA TYR A 7 -1.98 6.29 -6.19
C TYR A 7 -1.31 6.05 -4.83
N VAL A 8 -1.45 6.97 -3.92
CA VAL A 8 -0.84 6.78 -2.57
C VAL A 8 -1.55 5.63 -1.83
N LEU A 9 -2.79 5.37 -2.18
CA LEU A 9 -3.54 4.25 -1.54
C LEU A 9 -2.97 2.90 -2.02
N LYS A 10 -2.64 2.79 -3.29
CA LYS A 10 -2.09 1.51 -3.81
C LYS A 10 -0.64 1.32 -3.32
N PHE A 11 0.12 2.38 -3.27
CA PHE A 11 1.54 2.29 -2.79
C PHE A 11 1.57 1.84 -1.33
N PHE A 12 0.71 2.40 -0.50
CA PHE A 12 0.69 2.00 0.94
C PHE A 12 0.28 0.53 1.07
N LEU A 13 -0.70 0.10 0.30
CA LEU A 13 -1.14 -1.32 0.36
C LEU A 13 0.00 -2.25 -0.07
N LEU A 14 0.86 -1.79 -0.95
CA LEU A 14 2.00 -2.64 -1.41
C LEU A 14 3.15 -2.57 -0.40
N VAL A 15 3.56 -1.38 -0.04
CA VAL A 15 4.68 -1.24 0.94
C VAL A 15 4.25 -1.79 2.31
N PHE A 16 3.15 -1.32 2.85
CA PHE A 16 2.69 -1.83 4.17
C PHE A 16 2.18 -3.28 4.05
N GLY A 17 1.69 -3.65 2.89
CA GLY A 17 1.18 -5.04 2.70
C GLY A 17 2.34 -6.04 2.85
N GLU A 18 3.45 -5.79 2.19
CA GLU A 18 4.61 -6.73 2.30
C GLU A 18 5.18 -6.71 3.73
N ASN A 19 4.97 -5.64 4.46
CA ASN A 19 5.50 -5.58 5.86
C ASN A 19 4.70 -6.53 6.77
N GLY A 20 3.51 -6.90 6.36
CA GLY A 20 2.68 -7.81 7.20
C GLY A 20 2.45 -9.15 6.48
N VAL A 21 2.37 -9.15 5.17
CA VAL A 21 2.14 -10.44 4.43
C VAL A 21 3.46 -11.07 3.98
N PHE A 22 4.48 -10.28 3.75
CA PHE A 22 5.79 -10.84 3.31
C PHE A 22 6.79 -10.90 4.47
N PHE A 23 6.40 -10.48 5.66
CA PHE A 23 7.34 -10.52 6.82
C PHE A 23 6.66 -11.21 8.02
N TYR A 24 5.81 -12.16 7.78
CA TYR A 24 5.11 -12.88 8.90
C TYR A 24 5.66 -14.30 9.03
N LYS A 25 6.96 -14.45 8.97
CA LYS A 25 7.58 -15.81 9.08
C LYS A 25 8.93 -15.75 9.81
N HIS A 1 -6.86 13.53 -1.09
CA HIS A 1 -7.12 14.99 -0.93
C HIS A 1 -7.93 15.52 -2.12
N ALA A 2 -7.34 15.54 -3.30
CA ALA A 2 -8.06 16.05 -4.50
C ALA A 2 -7.48 15.41 -5.77
N TRP A 3 -8.17 14.42 -6.32
CA TRP A 3 -7.67 13.73 -7.56
C TRP A 3 -6.36 12.99 -7.27
N TYR A 4 -6.09 11.92 -7.97
CA TYR A 4 -4.82 11.13 -7.73
C TYR A 4 -4.70 10.72 -6.24
N SER A 5 -5.78 10.73 -5.50
CA SER A 5 -5.73 10.32 -4.06
C SER A 5 -5.77 8.79 -3.92
N HIS A 6 -5.89 8.07 -5.00
CA HIS A 6 -5.94 6.57 -4.90
C HIS A 6 -4.54 5.98 -5.11
N TYR A 7 -3.65 6.71 -5.75
CA TYR A 7 -2.26 6.20 -5.97
C TYR A 7 -1.55 6.02 -4.63
N VAL A 8 -1.69 6.98 -3.74
CA VAL A 8 -1.05 6.87 -2.40
C VAL A 8 -1.62 5.66 -1.66
N LEU A 9 -2.88 5.35 -1.89
CA LEU A 9 -3.51 4.17 -1.22
C LEU A 9 -2.91 2.87 -1.79
N LYS A 10 -2.75 2.81 -3.10
CA LYS A 10 -2.14 1.59 -3.72
C LYS A 10 -0.66 1.49 -3.37
N PHE A 11 0.06 2.59 -3.44
CA PHE A 11 1.51 2.57 -3.09
C PHE A 11 1.70 2.11 -1.64
N PHE A 12 0.85 2.57 -0.75
CA PHE A 12 0.97 2.15 0.69
C PHE A 12 0.69 0.64 0.82
N LEU A 13 -0.30 0.14 0.12
CA LEU A 13 -0.62 -1.32 0.20
C LEU A 13 0.53 -2.14 -0.42
N LEU A 14 1.18 -1.62 -1.44
CA LEU A 14 2.31 -2.37 -2.08
C LEU A 14 3.52 -2.43 -1.14
N VAL A 15 3.68 -1.46 -0.28
CA VAL A 15 4.84 -1.46 0.67
C VAL A 15 4.41 -2.02 2.02
N PHE A 16 3.31 -1.56 2.56
CA PHE A 16 2.83 -2.06 3.88
C PHE A 16 2.35 -3.51 3.77
N GLY A 17 1.97 -3.96 2.60
CA GLY A 17 1.50 -5.37 2.44
C GLY A 17 2.61 -6.34 2.87
N GLU A 18 3.82 -6.10 2.45
CA GLU A 18 4.95 -7.00 2.86
C GLU A 18 5.20 -6.89 4.37
N ASN A 19 4.89 -5.76 4.95
CA ASN A 19 5.09 -5.59 6.42
C ASN A 19 3.94 -6.26 7.19
N GLY A 20 2.90 -6.67 6.50
CA GLY A 20 1.75 -7.34 7.17
C GLY A 20 1.80 -8.84 6.92
N VAL A 21 2.09 -9.26 5.71
CA VAL A 21 2.14 -10.75 5.41
C VAL A 21 3.07 -11.47 6.39
N PHE A 22 4.21 -10.89 6.67
CA PHE A 22 5.18 -11.55 7.61
C PHE A 22 4.58 -11.67 9.01
N PHE A 23 3.67 -10.79 9.37
CA PHE A 23 3.03 -10.87 10.72
C PHE A 23 1.59 -11.39 10.62
N TYR A 24 1.26 -12.10 9.57
CA TYR A 24 -0.12 -12.64 9.41
C TYR A 24 -0.10 -14.01 8.73
N LYS A 25 0.83 -14.87 9.09
CA LYS A 25 0.91 -16.21 8.45
C LYS A 25 1.37 -17.26 9.48
N HIS A 1 -5.58 13.80 -0.20
CA HIS A 1 -7.08 13.74 -0.37
C HIS A 1 -7.51 14.46 -1.67
N ALA A 2 -6.79 15.48 -2.08
CA ALA A 2 -7.17 16.21 -3.34
C ALA A 2 -6.07 16.03 -4.40
N TRP A 3 -6.39 15.40 -5.50
CA TRP A 3 -5.39 15.16 -6.60
C TRP A 3 -4.27 14.22 -6.12
N TYR A 4 -3.68 13.49 -7.05
CA TYR A 4 -2.59 12.52 -6.72
C TYR A 4 -2.81 11.87 -5.34
N SER A 5 -4.03 11.51 -5.03
CA SER A 5 -4.32 10.86 -3.71
C SER A 5 -4.83 9.43 -3.90
N HIS A 6 -4.81 8.93 -5.11
CA HIS A 6 -5.29 7.52 -5.36
C HIS A 6 -4.09 6.57 -5.49
N TYR A 7 -3.09 6.98 -6.22
CA TYR A 7 -1.89 6.11 -6.40
C TYR A 7 -1.21 5.89 -5.05
N VAL A 8 -1.19 6.90 -4.21
CA VAL A 8 -0.57 6.73 -2.86
C VAL A 8 -1.37 5.71 -2.04
N LEU A 9 -2.67 5.63 -2.28
CA LEU A 9 -3.51 4.64 -1.54
C LEU A 9 -3.14 3.22 -1.99
N LYS A 10 -2.95 3.02 -3.27
CA LYS A 10 -2.57 1.67 -3.78
C LYS A 10 -1.12 1.35 -3.38
N PHE A 11 -0.24 2.32 -3.53
CA PHE A 11 1.19 2.10 -3.16
C PHE A 11 1.30 1.83 -1.65
N PHE A 12 0.60 2.60 -0.85
CA PHE A 12 0.66 2.39 0.63
C PHE A 12 0.19 0.96 0.98
N LEU A 13 -0.89 0.51 0.38
CA LEU A 13 -1.39 -0.87 0.66
C LEU A 13 -0.33 -1.90 0.28
N LEU A 14 0.34 -1.72 -0.83
CA LEU A 14 1.40 -2.68 -1.27
C LEU A 14 2.52 -2.71 -0.22
N VAL A 15 2.96 -1.56 0.22
CA VAL A 15 4.05 -1.49 1.25
C VAL A 15 3.56 -2.15 2.56
N PHE A 16 2.30 -1.98 2.89
CA PHE A 16 1.76 -2.58 4.14
C PHE A 16 1.84 -4.12 4.05
N GLY A 17 1.54 -4.68 2.90
CA GLY A 17 1.61 -6.16 2.74
C GLY A 17 3.05 -6.63 2.92
N GLU A 18 3.99 -5.92 2.35
CA GLU A 18 5.44 -6.31 2.50
C GLU A 18 5.82 -6.30 3.98
N ASN A 19 5.32 -5.34 4.73
CA ASN A 19 5.63 -5.28 6.19
C ASN A 19 5.09 -6.53 6.88
N GLY A 20 3.93 -6.98 6.50
CA GLY A 20 3.33 -8.20 7.11
C GLY A 20 4.09 -9.43 6.62
N VAL A 21 4.41 -9.47 5.34
CA VAL A 21 5.17 -10.65 4.79
C VAL A 21 6.58 -10.71 5.39
N PHE A 22 7.18 -9.57 5.64
CA PHE A 22 8.55 -9.56 6.23
C PHE A 22 8.51 -9.85 7.74
N PHE A 23 7.36 -9.74 8.34
CA PHE A 23 7.26 -10.02 9.81
C PHE A 23 6.41 -11.28 10.03
N TYR A 24 6.70 -12.33 9.30
CA TYR A 24 5.93 -13.60 9.45
C TYR A 24 6.81 -14.80 9.06
N LYS A 25 8.00 -14.87 9.60
CA LYS A 25 8.92 -16.01 9.27
C LYS A 25 9.48 -16.64 10.55
N HIS A 1 -7.99 15.58 -6.84
CA HIS A 1 -8.52 16.37 -7.99
C HIS A 1 -8.37 15.59 -9.30
N ALA A 2 -7.16 15.21 -9.66
CA ALA A 2 -6.94 14.44 -10.92
C ALA A 2 -6.70 12.96 -10.61
N TRP A 3 -7.60 12.35 -9.87
CA TRP A 3 -7.46 10.90 -9.50
C TRP A 3 -6.10 10.66 -8.82
N TYR A 4 -5.64 11.58 -8.02
CA TYR A 4 -4.32 11.39 -7.32
C TYR A 4 -4.54 10.93 -5.88
N SER A 5 -5.67 10.36 -5.57
CA SER A 5 -5.93 9.87 -4.18
C SER A 5 -5.98 8.34 -4.15
N HIS A 6 -5.70 7.69 -5.25
CA HIS A 6 -5.71 6.19 -5.28
C HIS A 6 -4.29 5.65 -5.36
N TYR A 7 -3.43 6.32 -6.08
CA TYR A 7 -2.01 5.85 -6.20
C TYR A 7 -1.36 5.80 -4.80
N VAL A 8 -1.57 6.81 -4.01
CA VAL A 8 -1.00 6.83 -2.63
C VAL A 8 -1.55 5.64 -1.81
N LEU A 9 -2.77 5.24 -2.10
CA LEU A 9 -3.37 4.08 -1.37
C LEU A 9 -2.73 2.77 -1.85
N LYS A 10 -2.49 2.64 -3.13
CA LYS A 10 -1.85 1.40 -3.66
C LYS A 10 -0.42 1.27 -3.10
N PHE A 11 0.30 2.36 -3.04
CA PHE A 11 1.70 2.31 -2.50
C PHE A 11 1.67 1.86 -1.03
N PHE A 12 0.75 2.38 -0.25
CA PHE A 12 0.65 1.97 1.18
C PHE A 12 0.41 0.45 1.28
N LEU A 13 -0.42 -0.08 0.42
CA LEU A 13 -0.69 -1.55 0.44
C LEU A 13 0.53 -2.32 -0.10
N LEU A 14 1.23 -1.77 -1.07
CA LEU A 14 2.43 -2.47 -1.63
C LEU A 14 3.64 -2.32 -0.69
N VAL A 15 3.60 -1.37 0.20
CA VAL A 15 4.75 -1.18 1.15
C VAL A 15 4.34 -1.69 2.54
N PHE A 16 3.37 -1.05 3.15
CA PHE A 16 2.91 -1.50 4.50
C PHE A 16 2.19 -2.85 4.39
N GLY A 17 1.45 -3.06 3.32
CA GLY A 17 0.72 -4.35 3.16
C GLY A 17 1.74 -5.48 2.95
N GLU A 18 2.71 -5.27 2.10
CA GLU A 18 3.73 -6.33 1.86
C GLU A 18 4.55 -6.59 3.14
N ASN A 19 4.69 -5.61 3.99
CA ASN A 19 5.46 -5.81 5.25
C ASN A 19 4.73 -6.83 6.15
N GLY A 20 3.44 -6.96 5.98
CA GLY A 20 2.66 -7.93 6.82
C GLY A 20 2.22 -9.13 5.97
N VAL A 21 1.95 -8.93 4.70
CA VAL A 21 1.48 -10.05 3.83
C VAL A 21 2.68 -10.77 3.17
N PHE A 22 3.78 -10.10 2.98
CA PHE A 22 4.96 -10.77 2.34
C PHE A 22 6.06 -11.06 3.37
N PHE A 23 5.72 -11.13 4.64
CA PHE A 23 6.74 -11.42 5.68
C PHE A 23 6.12 -12.24 6.82
N TYR A 24 5.22 -13.13 6.51
CA TYR A 24 4.57 -13.96 7.56
C TYR A 24 3.95 -15.22 6.94
N LYS A 25 3.02 -15.04 6.04
CA LYS A 25 2.37 -16.22 5.37
C LYS A 25 1.75 -15.80 4.03
#